data_5A58
#
_entry.id   5A58
#
_cell.length_a   87.069
_cell.length_b   121.964
_cell.length_c   139.605
_cell.angle_alpha   90.00
_cell.angle_beta   90.00
_cell.angle_gamma   90.00
#
_symmetry.space_group_name_H-M   'P 2 21 21'
#
loop_
_entity.id
_entity.type
_entity.pdbx_description
1 polymer ENDO-ALPHA-GALACTOSAMINIDASE
2 branched beta-D-galactopyranose-(1-3)-2-acetamido-2-deoxy-alpha-D-galactopyranose
3 non-polymer SERINE
4 non-polymer 'CALCIUM ION'
5 non-polymer 'MANGANESE (II) ION'
6 non-polymer 'CITRIC ACID'
7 non-polymer 1,2-ETHANEDIOL
8 water water
#
_entity_poly.entity_id   1
_entity_poly.type   'polypeptide(L)'
_entity_poly.pdbx_seq_one_letter_code
;MEKETGPEVDDSKVTYDTIQSKVLKAVIDQAFPRVKEYSLNGHTLPGQVQQFNQVFINNHRITPEVTYKKINETTAEYLM
KLRDDAHLINAEMTVRLQVVDNQLHFDVTKIVNHNQVTPGQKIDDESKLLSSISFLGNALVSVSSDQTGAKFDGATMSNN
THVSGDDHIDVTNPMKDLAKGYMYGFVSTDKLAAGVWSNSQNSYGGGSNDWTRLTAYKETVGNANYVGIHSSEWQWEKAY
KGIVFPEYTKELPSAKVVITEDANADKNVDWQDGAIAYRSIMNNPQGWEKVKDITAYRIAMNFGSQAQNPFLMTLDGIKK
INLHTDGLGQGVLLKGYGSEGHDSGHLNYADIGKRIGGVEDFKTLIEKAKKYGAHLGIHVNASETYPESKYFNEKILRKN
PDGSYSYGWNWLDQGINIDAAYDLAHGRLARWEDLKKKLGDGLDFIYVNVWGNGQSGDNGAWATHVLAKEINKQGWRFAI
EWGHGGEYDSTFHHWAADLTYGGYTNKGINSAITRFIRNHQKDAWVGDYRSYGGAANYPLLGGYSMKDFEGWQGRSDYNG
YVTNLFAHDVMTKYFQHFTVSKWENGTPVTMTDNGSTYKWTPEMRVELVDADNNKVVVTRKSNDVNSPQYRERTVTLNGR
VIQDGSAYLTPWNWDANGKKLSTDKEKMYYFNTQAGATTWTLPSDWAKSKVYLYKLTDQGKTEEQELTVKDGKITLDLLA
NQPYVLYRSKQTNPEMSWSEGMHIYDQGFNSGTLKHWTISGDASKAEIVKSQGANDMLRIQGNKEKVSLTQKLTGLKPNT
KYAVYVGVDNRSNAKASITVNTGEKEVTTYTNKSLALNYVKAYAHNTRRNNATVDDTSYFQNMYAFFTTGADVSNVTLTL
SREAGDEATYFDEIRTFENNSSMYGDKHDTGKGTFKQDFENVAQGIFPFVVGGVEGVEDNRTHLSEKHDPYTQRGWNGKK
VDDVIEGNWSLKTNGLVSRRNLVYQTIPQNFRFEAGKTYRVTFEYEAGSDNTYAFVVGKGEFQSGRRGTQASNLEMHELP
NTWTDSKKAKKATFLVTGAETGDTWVGIYSTGNASNTRGDSGGNANFRGYNDFMMDNLQIEEITLTGKMLTHHHHHH
;
_entity_poly.pdbx_strand_id   A
#
loop_
_chem_comp.id
_chem_comp.type
_chem_comp.name
_chem_comp.formula
A2G D-saccharide, alpha linking 2-acetamido-2-deoxy-alpha-D-galactopyranose 'C8 H15 N O6'
CA non-polymer 'CALCIUM ION' 'Ca 2'
CIT non-polymer 'CITRIC ACID' 'C6 H8 O7'
EDO non-polymer 1,2-ETHANEDIOL 'C2 H6 O2'
GAL D-saccharide, beta linking beta-D-galactopyranose 'C6 H12 O6'
MN non-polymer 'MANGANESE (II) ION' 'Mn 2'
#
# COMPACT_ATOMS: atom_id res chain seq x y z
N MET A 1 -9.37 13.75 -48.27
CA MET A 1 -8.48 14.93 -48.06
C MET A 1 -7.54 15.13 -49.23
N GLU A 2 -7.34 16.40 -49.60
CA GLU A 2 -6.39 16.81 -50.65
C GLU A 2 -4.99 16.96 -50.05
N LYS A 3 -3.95 16.77 -50.87
CA LYS A 3 -2.56 17.05 -50.46
C LYS A 3 -2.44 18.45 -49.84
N GLU A 4 -1.80 18.56 -48.69
CA GLU A 4 -1.79 19.80 -47.94
C GLU A 4 -0.53 20.62 -48.25
N THR A 5 -0.60 21.93 -48.06
CA THR A 5 0.57 22.82 -48.26
C THR A 5 0.61 23.87 -47.19
N GLY A 6 1.80 24.37 -46.88
CA GLY A 6 1.92 25.49 -45.95
C GLY A 6 3.08 26.38 -46.41
N PRO A 7 3.37 27.45 -45.66
CA PRO A 7 4.50 28.34 -46.06
C PRO A 7 5.81 27.60 -46.12
N GLU A 8 6.63 27.91 -47.13
CA GLU A 8 7.99 27.39 -47.19
C GLU A 8 8.80 28.18 -46.21
N VAL A 9 10.08 27.87 -46.10
CA VAL A 9 10.92 28.47 -45.08
C VAL A 9 11.96 29.38 -45.72
N ASP A 10 11.95 30.63 -45.33
CA ASP A 10 12.92 31.63 -45.78
C ASP A 10 13.85 31.91 -44.60
N ASP A 11 15.05 31.35 -44.63
CA ASP A 11 16.00 31.55 -43.53
C ASP A 11 17.08 32.60 -43.85
N SER A 12 16.79 33.53 -44.76
CA SER A 12 17.80 34.53 -45.16
C SER A 12 18.19 35.43 -43.99
N LYS A 13 17.30 35.63 -43.02
CA LYS A 13 17.61 36.49 -41.88
C LYS A 13 18.01 35.69 -40.63
N VAL A 14 18.31 34.41 -40.82
CA VAL A 14 18.65 33.56 -39.68
C VAL A 14 20.14 33.24 -39.71
N THR A 15 20.79 33.35 -38.54
CA THR A 15 22.18 32.89 -38.35
C THR A 15 22.19 31.62 -37.54
N TYR A 16 22.57 30.50 -38.16
CA TYR A 16 22.71 29.22 -37.44
C TYR A 16 24.12 28.98 -36.94
N ASP A 17 24.27 28.15 -35.90
CA ASP A 17 25.54 27.65 -35.42
C ASP A 17 25.38 26.11 -35.33
N THR A 18 26.43 25.38 -34.96
CA THR A 18 26.26 23.95 -34.77
C THR A 18 26.94 23.59 -33.46
N ILE A 19 26.34 22.67 -32.71
CA ILE A 19 27.00 22.03 -31.57
C ILE A 19 27.01 20.55 -31.90
N GLN A 20 28.02 19.82 -31.44
CA GLN A 20 28.14 18.43 -31.82
C GLN A 20 29.00 17.65 -30.88
N SER A 21 28.63 16.40 -30.69
CA SER A 21 29.49 15.42 -30.05
C SER A 21 30.24 14.69 -31.15
N LYS A 22 30.83 13.56 -30.84
CA LYS A 22 31.42 12.74 -31.89
C LYS A 22 30.41 12.03 -32.78
N VAL A 23 29.17 11.87 -32.31
CA VAL A 23 28.18 11.08 -33.06
C VAL A 23 26.96 11.89 -33.56
N LEU A 24 26.68 13.02 -32.92
CA LEU A 24 25.46 13.76 -33.20
C LEU A 24 25.76 15.24 -33.39
N LYS A 25 25.23 15.80 -34.49
CA LYS A 25 25.41 17.20 -34.76
C LYS A 25 24.02 17.87 -34.73
N ALA A 26 23.92 19.04 -34.10
CA ALA A 26 22.66 19.79 -34.09
C ALA A 26 22.90 21.19 -34.65
N VAL A 27 22.12 21.55 -35.65
CA VAL A 27 22.15 22.93 -36.16
C VAL A 27 21.18 23.76 -35.33
N ILE A 28 21.67 24.84 -34.72
CA ILE A 28 20.87 25.60 -33.76
C ILE A 28 20.81 27.05 -34.16
N ASP A 29 19.70 27.70 -33.88
CA ASP A 29 19.54 29.11 -34.21
C ASP A 29 20.27 29.95 -33.18
N GLN A 30 21.04 30.96 -33.60
CA GLN A 30 21.64 31.86 -32.61
C GLN A 30 20.61 32.83 -31.99
N ALA A 31 19.43 32.95 -32.61
CA ALA A 31 18.43 33.93 -32.16
C ALA A 31 17.54 33.36 -31.05
N PHE A 32 17.51 32.04 -30.90
CA PHE A 32 16.47 31.40 -30.07
C PHE A 32 16.92 29.97 -29.86
N PRO A 33 16.65 29.37 -28.68
CA PRO A 33 17.14 28.00 -28.47
C PRO A 33 16.28 26.98 -29.21
N ARG A 34 16.53 26.86 -30.50
CA ARG A 34 15.80 26.01 -31.43
C ARG A 34 16.81 25.17 -32.19
N VAL A 35 16.51 23.88 -32.32
CA VAL A 35 17.28 23.00 -33.16
C VAL A 35 16.56 22.88 -34.52
N LYS A 36 17.22 23.28 -35.59
CA LYS A 36 16.68 23.13 -36.94
C LYS A 36 16.70 21.66 -37.38
N GLU A 37 17.78 20.96 -37.08
CA GLU A 37 17.99 19.63 -37.65
C GLU A 37 19.10 18.87 -36.94
N TYR A 38 18.97 17.55 -36.88
CA TYR A 38 19.99 16.66 -36.28
C TYR A 38 20.61 15.76 -37.34
N SER A 39 21.90 15.45 -37.21
CA SER A 39 22.55 14.47 -38.08
CA SER A 39 22.56 14.47 -38.08
CA SER A 39 22.49 14.43 -38.06
C SER A 39 23.30 13.41 -37.25
N LEU A 40 23.11 12.15 -37.58
CA LEU A 40 23.81 11.07 -36.90
C LEU A 40 24.05 9.97 -37.94
N ASN A 41 25.32 9.56 -38.09
CA ASN A 41 25.73 8.52 -39.06
C ASN A 41 25.22 8.80 -40.49
N GLY A 42 25.20 10.08 -40.85
CA GLY A 42 24.81 10.48 -42.20
C GLY A 42 23.30 10.53 -42.42
N HIS A 43 22.51 10.30 -41.37
CA HIS A 43 21.03 10.35 -41.46
C HIS A 43 20.55 11.57 -40.71
N THR A 44 19.33 12.02 -40.99
CA THR A 44 18.86 13.26 -40.37
CA THR A 44 18.83 13.28 -40.49
C THR A 44 17.46 13.15 -39.81
N LEU A 45 17.22 13.94 -38.75
CA LEU A 45 15.88 14.20 -38.27
C LEU A 45 15.74 15.69 -38.13
N PRO A 46 14.63 16.26 -38.62
CA PRO A 46 14.40 17.68 -38.39
C PRO A 46 14.08 17.95 -36.91
N GLY A 47 14.21 19.22 -36.53
CA GLY A 47 13.78 19.70 -35.22
C GLY A 47 12.57 20.59 -35.41
N GLN A 48 12.76 21.89 -35.21
CA GLN A 48 11.73 22.88 -35.45
C GLN A 48 12.27 23.64 -36.69
N VAL A 49 11.74 23.32 -37.86
CA VAL A 49 12.25 23.84 -39.14
CA VAL A 49 12.30 23.87 -39.10
C VAL A 49 11.83 25.29 -39.35
N GLN A 50 10.65 25.64 -38.87
CA GLN A 50 10.13 26.99 -39.03
C GLN A 50 10.34 27.77 -37.72
N GLN A 51 11.11 28.87 -37.77
CA GLN A 51 11.40 29.73 -36.61
CA GLN A 51 11.38 29.69 -36.59
C GLN A 51 10.08 30.11 -35.94
N PHE A 52 10.05 30.11 -34.60
CA PHE A 52 8.89 30.57 -33.86
C PHE A 52 9.43 31.26 -32.63
N ASN A 53 9.79 32.54 -32.76
CA ASN A 53 10.58 33.18 -31.69
C ASN A 53 9.74 33.80 -30.58
N GLN A 54 8.90 32.96 -29.99
CA GLN A 54 7.95 33.38 -28.96
C GLN A 54 7.93 32.32 -27.89
N VAL A 55 7.69 32.75 -26.67
CA VAL A 55 7.39 31.83 -25.55
C VAL A 55 6.10 32.34 -24.87
N PHE A 56 5.49 31.50 -24.04
CA PHE A 56 4.34 31.93 -23.26
C PHE A 56 4.70 31.89 -21.81
N ILE A 57 4.57 33.05 -21.17
CA ILE A 57 4.90 33.21 -19.77
C ILE A 57 3.59 33.55 -19.06
N ASN A 58 3.19 32.75 -18.07
CA ASN A 58 1.88 32.95 -17.41
C ASN A 58 0.75 33.07 -18.43
N ASN A 59 0.82 32.25 -19.49
CA ASN A 59 -0.14 32.27 -20.58
C ASN A 59 -0.23 33.58 -21.37
N HIS A 60 0.82 34.38 -21.33
CA HIS A 60 0.90 35.57 -22.19
C HIS A 60 2.01 35.39 -23.22
N ARG A 61 1.73 35.73 -24.48
CA ARG A 61 2.74 35.64 -25.55
C ARG A 61 3.84 36.67 -25.35
N ILE A 62 5.11 36.24 -25.37
CA ILE A 62 6.24 37.15 -25.20
C ILE A 62 7.27 36.91 -26.31
N THR A 63 7.76 37.99 -26.92
CA THR A 63 8.89 37.91 -27.83
C THR A 63 10.14 38.17 -26.99
N PRO A 64 10.93 37.12 -26.71
CA PRO A 64 12.05 37.37 -25.81
C PRO A 64 13.17 38.16 -26.47
N GLU A 65 13.89 38.94 -25.67
CA GLU A 65 15.10 39.60 -26.15
C GLU A 65 16.27 38.67 -25.83
N VAL A 66 16.91 38.13 -26.87
CA VAL A 66 17.83 37.01 -26.69
C VAL A 66 19.26 37.40 -27.02
N THR A 67 20.20 36.98 -26.18
CA THR A 67 21.61 37.10 -26.54
C THR A 67 22.22 35.70 -26.45
N TYR A 68 23.21 35.41 -27.30
CA TYR A 68 23.68 34.06 -27.51
C TYR A 68 25.16 33.91 -27.24
N LYS A 69 25.58 32.75 -26.72
CA LYS A 69 27.00 32.46 -26.61
C LYS A 69 27.27 30.97 -26.76
N LYS A 70 28.15 30.61 -27.70
CA LYS A 70 28.57 29.22 -27.81
C LYS A 70 29.65 29.01 -26.77
N ILE A 71 29.40 28.07 -25.85
CA ILE A 71 30.22 27.88 -24.66
C ILE A 71 31.40 26.97 -24.96
N ASN A 72 31.15 25.91 -25.71
CA ASN A 72 32.20 24.98 -26.12
C ASN A 72 31.67 24.18 -27.32
N GLU A 73 32.34 23.10 -27.72
CA GLU A 73 31.97 22.45 -28.98
C GLU A 73 30.59 21.77 -28.90
N THR A 74 30.12 21.47 -27.68
CA THR A 74 28.87 20.72 -27.50
C THR A 74 27.74 21.57 -26.91
N THR A 75 28.03 22.81 -26.54
CA THR A 75 27.15 23.57 -25.63
C THR A 75 26.96 25.03 -26.03
N ALA A 76 25.71 25.47 -26.09
CA ALA A 76 25.41 26.87 -26.31
C ALA A 76 24.45 27.41 -25.25
N GLU A 77 24.53 28.71 -25.01
CA GLU A 77 23.75 29.33 -23.96
C GLU A 77 23.02 30.55 -24.48
N TYR A 78 21.80 30.79 -23.97
CA TYR A 78 20.95 31.88 -24.43
C TYR A 78 20.42 32.62 -23.23
N LEU A 79 20.61 33.93 -23.18
CA LEU A 79 19.98 34.74 -22.16
C LEU A 79 18.72 35.37 -22.79
N MET A 80 17.56 35.15 -22.14
CA MET A 80 16.27 35.49 -22.72
C MET A 80 15.55 36.42 -21.77
N LYS A 81 15.49 37.71 -22.13
CA LYS A 81 14.79 38.71 -21.31
C LYS A 81 13.31 38.78 -21.70
N LEU A 82 12.45 38.82 -20.69
CA LEU A 82 11.01 38.66 -20.84
C LEU A 82 10.31 39.88 -20.23
N ARG A 83 9.63 40.66 -21.06
CA ARG A 83 8.99 41.87 -20.56
C ARG A 83 7.61 42.08 -21.14
N ASP A 84 6.63 42.27 -20.25
CA ASP A 84 5.27 42.62 -20.65
C ASP A 84 4.66 43.40 -19.49
N ASP A 85 4.73 44.73 -19.60
CA ASP A 85 4.32 45.61 -18.51
C ASP A 85 2.86 45.44 -18.17
N ALA A 86 2.01 45.34 -19.19
CA ALA A 86 0.57 45.22 -19.01
C ALA A 86 0.20 43.98 -18.20
N HIS A 87 1.07 42.97 -18.23
CA HIS A 87 0.81 41.73 -17.49
C HIS A 87 1.78 41.49 -16.34
N LEU A 88 2.49 42.54 -15.93
CA LEU A 88 3.45 42.51 -14.81
C LEU A 88 4.49 41.40 -14.96
N ILE A 89 5.00 41.22 -16.18
CA ILE A 89 6.08 40.28 -16.43
C ILE A 89 7.38 41.05 -16.62
N ASN A 90 8.34 40.75 -15.75
CA ASN A 90 9.67 41.35 -15.81
C ASN A 90 10.68 40.35 -15.29
N ALA A 91 11.27 39.60 -16.19
CA ALA A 91 12.06 38.45 -15.77
C ALA A 91 13.14 38.14 -16.81
N GLU A 92 14.04 37.24 -16.47
CA GLU A 92 14.93 36.65 -17.48
C GLU A 92 15.23 35.21 -17.18
N MET A 93 15.39 34.42 -18.23
CA MET A 93 15.77 33.04 -18.07
C MET A 93 16.93 32.72 -18.99
N THR A 94 17.78 31.81 -18.51
CA THR A 94 18.93 31.34 -19.26
C THR A 94 18.64 29.90 -19.64
N VAL A 95 18.88 29.60 -20.92
CA VAL A 95 18.69 28.28 -21.49
C VAL A 95 20.02 27.79 -22.07
N ARG A 96 20.32 26.51 -21.83
CA ARG A 96 21.45 25.86 -22.50
C ARG A 96 20.95 24.73 -23.34
N LEU A 97 21.54 24.61 -24.53
CA LEU A 97 21.40 23.43 -25.38
C LEU A 97 22.75 22.73 -25.36
N GLN A 98 22.75 21.43 -25.10
CA GLN A 98 23.99 20.68 -24.95
C GLN A 98 23.85 19.32 -25.59
N VAL A 99 24.81 18.98 -26.44
CA VAL A 99 24.86 17.63 -27.02
C VAL A 99 25.75 16.75 -26.13
N VAL A 100 25.20 15.61 -25.72
CA VAL A 100 25.94 14.61 -24.92
C VAL A 100 25.87 13.30 -25.69
N ASP A 101 26.94 12.96 -26.42
CA ASP A 101 26.89 11.82 -27.36
C ASP A 101 25.63 11.90 -28.25
N ASN A 102 24.72 10.92 -28.18
CA ASN A 102 23.49 10.95 -29.04
C ASN A 102 22.28 11.59 -28.37
N GLN A 103 22.50 12.43 -27.35
CA GLN A 103 21.43 13.10 -26.62
C GLN A 103 21.55 14.58 -26.83
N LEU A 104 20.41 15.27 -26.89
CA LEU A 104 20.38 16.73 -26.84
C LEU A 104 19.69 17.11 -25.54
N HIS A 105 20.33 17.95 -24.72
CA HIS A 105 19.74 18.42 -23.46
C HIS A 105 19.29 19.88 -23.59
N PHE A 106 18.03 20.15 -23.25
CA PHE A 106 17.45 21.48 -23.17
C PHE A 106 17.25 21.79 -21.67
N ASP A 107 17.93 22.80 -21.15
CA ASP A 107 17.81 23.12 -19.72
C ASP A 107 17.63 24.61 -19.52
N VAL A 108 16.64 24.98 -18.72
CA VAL A 108 16.54 26.35 -18.22
C VAL A 108 17.42 26.36 -16.96
N THR A 109 18.56 27.04 -17.02
CA THR A 109 19.57 26.87 -15.97
C THR A 109 19.45 27.94 -14.90
N LYS A 110 18.76 29.03 -15.21
CA LYS A 110 18.60 30.12 -14.26
C LYS A 110 17.35 30.89 -14.61
N ILE A 111 16.57 31.26 -13.60
CA ILE A 111 15.40 32.09 -13.80
C ILE A 111 15.46 33.24 -12.80
N VAL A 112 15.25 34.47 -13.28
CA VAL A 112 15.20 35.63 -12.39
C VAL A 112 13.89 36.36 -12.61
N ASN A 113 13.09 36.47 -11.56
CA ASN A 113 11.89 37.27 -11.60
C ASN A 113 12.23 38.60 -10.92
N HIS A 114 12.15 39.70 -11.66
CA HIS A 114 12.46 41.00 -11.08
C HIS A 114 11.35 41.51 -10.13
N ASN A 115 10.16 40.93 -10.20
CA ASN A 115 9.16 41.21 -9.16
C ASN A 115 9.62 40.61 -7.81
N GLN A 116 9.25 41.24 -6.71
CA GLN A 116 9.65 40.77 -5.39
C GLN A 116 8.79 39.56 -5.01
N VAL A 117 9.43 38.39 -4.88
CA VAL A 117 8.71 37.16 -4.47
C VAL A 117 9.51 36.44 -3.36
N THR A 118 8.86 36.12 -2.25
CA THR A 118 9.52 35.36 -1.20
C THR A 118 8.77 34.04 -0.94
N PRO A 119 9.35 32.89 -1.35
CA PRO A 119 8.71 31.59 -1.08
C PRO A 119 8.35 31.51 0.40
N GLY A 120 7.11 31.10 0.68
CA GLY A 120 6.63 30.98 2.04
C GLY A 120 5.98 32.24 2.59
N GLN A 121 6.00 33.33 1.82
CA GLN A 121 5.42 34.59 2.29
C GLN A 121 4.22 35.03 1.45
N LYS A 122 3.45 35.95 2.01
CA LYS A 122 2.33 36.56 1.33
C LYS A 122 2.78 37.28 0.04
N ILE A 123 2.00 37.17 -1.03
CA ILE A 123 2.19 38.01 -2.23
C ILE A 123 0.89 38.76 -2.47
N ASP A 124 0.97 40.08 -2.67
CA ASP A 124 -0.28 40.83 -2.79
C ASP A 124 -0.96 40.69 -4.16
N ASP A 125 -0.21 40.31 -5.19
CA ASP A 125 -0.81 40.08 -6.48
C ASP A 125 -0.13 38.87 -7.11
N GLU A 126 -0.88 37.77 -7.26
CA GLU A 126 -0.31 36.51 -7.80
C GLU A 126 0.14 36.64 -9.26
N SER A 127 -0.35 37.65 -9.98
CA SER A 127 0.10 37.82 -11.35
C SER A 127 1.58 38.28 -11.40
N LYS A 128 2.14 38.71 -10.27
CA LYS A 128 3.57 39.05 -10.20
C LYS A 128 4.48 37.82 -10.13
N LEU A 129 3.90 36.66 -9.85
CA LEU A 129 4.70 35.41 -9.88
C LEU A 129 5.03 35.04 -11.32
N LEU A 130 6.14 34.36 -11.48
CA LEU A 130 6.52 33.74 -12.73
CA LEU A 130 6.47 33.75 -12.76
C LEU A 130 6.09 32.29 -12.58
N SER A 131 4.86 31.98 -12.98
CA SER A 131 4.23 30.70 -12.65
CA SER A 131 4.21 30.70 -12.65
C SER A 131 4.30 29.63 -13.72
N SER A 132 4.34 30.04 -14.98
CA SER A 132 4.44 29.03 -16.03
C SER A 132 5.32 29.50 -17.16
N ILE A 133 6.06 28.56 -17.74
CA ILE A 133 6.96 28.87 -18.85
C ILE A 133 6.69 27.83 -19.93
N SER A 134 6.29 28.30 -21.12
CA SER A 134 5.95 27.37 -22.21
C SER A 134 6.78 27.66 -23.47
N PHE A 135 7.42 26.62 -24.01
CA PHE A 135 8.10 26.71 -25.29
C PHE A 135 7.30 25.88 -26.32
N LEU A 136 6.00 25.70 -26.07
CA LEU A 136 5.15 25.11 -27.13
C LEU A 136 5.29 25.90 -28.42
N GLY A 137 5.40 25.19 -29.54
CA GLY A 137 5.61 25.83 -30.83
C GLY A 137 7.03 25.68 -31.31
N ASN A 138 7.92 25.25 -30.41
CA ASN A 138 9.28 24.85 -30.81
C ASN A 138 9.51 23.36 -30.55
N ALA A 139 9.30 22.53 -31.58
CA ALA A 139 9.55 21.09 -31.51
C ALA A 139 11.00 20.81 -31.14
N LEU A 140 11.23 19.89 -30.19
CA LEU A 140 12.59 19.44 -29.89
C LEU A 140 13.08 18.45 -30.92
N VAL A 141 12.15 17.75 -31.57
CA VAL A 141 12.53 16.84 -32.67
C VAL A 141 11.25 16.58 -33.47
N SER A 142 11.39 16.21 -34.75
CA SER A 142 10.22 15.93 -35.58
C SER A 142 10.59 14.96 -36.68
N VAL A 143 9.59 14.62 -37.50
CA VAL A 143 9.82 13.84 -38.71
C VAL A 143 8.88 14.42 -39.79
N SER A 144 9.32 14.35 -41.05
CA SER A 144 8.59 14.91 -42.20
C SER A 144 8.01 13.77 -43.02
N SER A 145 6.83 14.02 -43.60
CA SER A 145 6.21 13.09 -44.55
C SER A 145 7.05 12.83 -45.81
N ASP A 146 8.06 13.66 -46.07
CA ASP A 146 8.95 13.43 -47.21
C ASP A 146 10.01 12.40 -46.88
N GLN A 147 10.14 12.02 -45.61
CA GLN A 147 11.14 11.01 -45.24
C GLN A 147 10.54 9.61 -45.27
N THR A 148 11.29 8.65 -45.77
CA THR A 148 10.84 7.26 -45.81
C THR A 148 10.61 6.71 -44.41
N GLY A 149 9.50 5.99 -44.24
CA GLY A 149 9.18 5.36 -42.95
C GLY A 149 8.78 6.33 -41.84
N ALA A 150 8.40 7.56 -42.20
CA ALA A 150 8.04 8.57 -41.19
C ALA A 150 6.84 8.13 -40.34
N LYS A 151 7.04 8.05 -39.03
CA LYS A 151 5.94 7.65 -38.11
C LYS A 151 6.11 8.30 -36.72
N PHE A 152 4.98 8.47 -36.04
CA PHE A 152 4.95 8.96 -34.66
C PHE A 152 4.24 7.90 -33.80
N ASP A 153 4.76 7.66 -32.59
CA ASP A 153 4.11 6.72 -31.67
C ASP A 153 4.13 7.38 -30.30
N GLY A 154 2.95 7.45 -29.67
CA GLY A 154 2.85 8.12 -28.37
C GLY A 154 1.92 7.39 -27.42
N ALA A 155 2.15 7.57 -26.13
CA ALA A 155 1.35 6.90 -25.09
C ALA A 155 0.60 7.97 -24.29
N THR A 156 -0.68 7.70 -24.02
CA THR A 156 -1.48 8.47 -23.07
C THR A 156 -1.97 7.54 -21.96
N MET A 157 -2.43 8.11 -20.85
CA MET A 157 -2.92 7.30 -19.74
C MET A 157 -4.27 6.68 -20.08
N SER A 158 -4.34 5.35 -20.02
CA SER A 158 -5.61 4.60 -20.04
C SER A 158 -5.56 3.57 -18.92
N ASN A 159 -6.66 3.44 -18.18
CA ASN A 159 -6.75 2.40 -17.15
C ASN A 159 -7.86 1.44 -17.48
N ASN A 160 -8.40 1.55 -18.70
CA ASN A 160 -9.49 0.69 -19.18
C ASN A 160 -8.84 -0.46 -19.95
N THR A 161 -9.06 -1.70 -19.52
CA THR A 161 -8.36 -2.85 -20.14
C THR A 161 -8.74 -3.03 -21.61
N HIS A 162 -9.88 -2.46 -22.03
CA HIS A 162 -10.34 -2.57 -23.43
C HIS A 162 -9.74 -1.52 -24.35
N VAL A 163 -9.11 -0.48 -23.77
CA VAL A 163 -8.72 0.70 -24.55
C VAL A 163 -7.24 1.00 -24.38
N SER A 164 -6.44 0.79 -25.43
CA SER A 164 -5.01 1.09 -25.35
C SER A 164 -4.84 2.60 -25.27
N GLY A 165 -3.89 3.07 -24.46
CA GLY A 165 -3.60 4.51 -24.44
C GLY A 165 -2.66 4.94 -25.57
N ASP A 166 -2.23 4.00 -26.42
CA ASP A 166 -1.21 4.31 -27.42
C ASP A 166 -1.78 4.72 -28.79
N ASP A 167 -1.12 5.68 -29.42
CA ASP A 167 -1.38 6.06 -30.82
C ASP A 167 -0.17 5.73 -31.68
N HIS A 168 -0.42 5.18 -32.87
CA HIS A 168 0.63 4.86 -33.84
C HIS A 168 0.16 5.55 -35.13
N ILE A 169 0.88 6.58 -35.57
CA ILE A 169 0.40 7.47 -36.61
C ILE A 169 1.47 7.53 -37.70
N ASP A 170 1.09 7.16 -38.92
CA ASP A 170 1.98 7.35 -40.04
C ASP A 170 1.98 8.84 -40.40
N VAL A 171 3.17 9.37 -40.68
CA VAL A 171 3.28 10.81 -40.95
C VAL A 171 3.25 10.97 -42.48
N THR A 172 2.10 11.41 -42.98
CA THR A 172 1.86 11.39 -44.41
C THR A 172 1.29 12.74 -44.83
N ASN A 173 1.17 12.97 -46.14
CA ASN A 173 0.49 14.14 -46.63
C ASN A 173 -0.50 13.70 -47.72
N PRO A 174 -1.81 13.77 -47.47
CA PRO A 174 -2.40 14.45 -46.30
C PRO A 174 -2.40 13.55 -45.05
N MET A 175 -2.65 14.13 -43.89
CA MET A 175 -2.97 13.35 -42.68
C MET A 175 -3.92 14.13 -41.79
N LYS A 176 -4.58 13.43 -40.87
CA LYS A 176 -5.43 14.10 -39.87
C LYS A 176 -4.66 15.06 -38.98
N ASP A 177 -5.31 16.15 -38.56
CA ASP A 177 -4.69 17.12 -37.67
C ASP A 177 -4.26 16.44 -36.36
N LEU A 178 -3.23 17.01 -35.72
CA LEU A 178 -2.71 16.44 -34.45
C LEU A 178 -2.19 17.57 -33.59
N ALA A 179 -2.75 17.67 -32.37
CA ALA A 179 -2.39 18.68 -31.38
C ALA A 179 -2.82 18.09 -30.05
N LYS A 180 -1.91 17.31 -29.43
CA LYS A 180 -2.32 16.38 -28.37
CA LYS A 180 -2.32 16.39 -28.37
C LYS A 180 -1.20 16.14 -27.37
N GLY A 181 -1.56 16.11 -26.10
CA GLY A 181 -0.59 15.79 -25.03
C GLY A 181 -0.28 14.29 -24.94
N TYR A 182 0.95 13.97 -24.57
CA TYR A 182 1.42 12.59 -24.41
C TYR A 182 2.35 12.47 -23.22
N MET A 183 2.39 11.27 -22.64
CA MET A 183 3.31 10.96 -21.55
C MET A 183 4.67 10.57 -22.13
N TYR A 184 4.64 9.82 -23.24
CA TYR A 184 5.85 9.36 -23.97
C TYR A 184 5.57 9.55 -25.44
N GLY A 185 6.61 9.86 -26.21
CA GLY A 185 6.45 10.15 -27.64
C GLY A 185 7.75 9.91 -28.36
N PHE A 186 7.64 9.33 -29.56
CA PHE A 186 8.76 8.95 -30.43
C PHE A 186 8.41 9.32 -31.86
N VAL A 187 9.39 9.88 -32.58
CA VAL A 187 9.30 9.95 -34.05
C VAL A 187 10.43 9.12 -34.66
N SER A 188 10.23 8.62 -35.87
CA SER A 188 11.24 7.79 -36.50
C SER A 188 11.05 7.80 -38.01
N THR A 189 12.17 7.56 -38.70
CA THR A 189 12.18 7.22 -40.13
C THR A 189 12.62 5.78 -40.21
N ASP A 190 12.99 5.31 -41.40
CA ASP A 190 13.56 3.99 -41.47
C ASP A 190 15.05 3.96 -41.10
N LYS A 191 15.63 5.09 -40.72
CA LYS A 191 17.04 5.17 -40.35
C LYS A 191 17.33 5.63 -38.92
N LEU A 192 16.47 6.49 -38.38
CA LEU A 192 16.68 7.06 -37.02
C LEU A 192 15.37 7.08 -36.24
N ALA A 193 15.47 6.87 -34.92
CA ALA A 193 14.32 7.03 -34.02
C ALA A 193 14.73 8.03 -32.94
N ALA A 194 13.78 8.84 -32.48
CA ALA A 194 14.04 9.76 -31.37
C ALA A 194 12.96 9.64 -30.30
N GLY A 195 13.35 9.74 -29.02
CA GLY A 195 12.39 9.87 -27.93
C GLY A 195 12.65 11.16 -27.18
N VAL A 196 11.60 11.68 -26.55
CA VAL A 196 11.68 12.95 -25.82
C VAL A 196 11.20 12.80 -24.37
N TRP A 197 12.01 13.34 -23.45
CA TRP A 197 11.66 13.36 -22.03
C TRP A 197 11.50 14.82 -21.62
N SER A 198 10.62 15.10 -20.66
CA SER A 198 10.55 16.42 -20.07
C SER A 198 10.18 16.25 -18.60
N ASN A 199 10.66 17.14 -17.73
CA ASN A 199 10.17 17.15 -16.35
C ASN A 199 8.92 18.02 -16.15
N SER A 200 8.36 18.52 -17.24
CA SER A 200 7.09 19.29 -17.21
C SER A 200 5.98 18.51 -16.46
N GLN A 201 5.38 19.16 -15.47
CA GLN A 201 4.21 18.59 -14.76
C GLN A 201 2.89 19.17 -15.26
N ASN A 202 2.87 19.48 -16.57
CA ASN A 202 1.67 19.94 -17.26
C ASN A 202 0.54 18.89 -17.20
N SER A 203 -0.68 19.40 -17.13
CA SER A 203 -1.88 18.58 -17.40
C SER A 203 -2.80 19.33 -18.34
N TYR A 204 -3.39 18.63 -19.30
CA TYR A 204 -4.46 19.22 -20.12
C TYR A 204 -5.86 18.79 -19.65
N GLY A 205 -5.96 18.15 -18.47
CA GLY A 205 -7.23 17.60 -18.00
C GLY A 205 -7.01 16.23 -17.37
N GLY A 206 -8.12 15.54 -17.05
CA GLY A 206 -8.01 14.22 -16.43
C GLY A 206 -7.91 13.13 -17.49
N GLY A 207 -7.86 11.89 -17.03
CA GLY A 207 -7.83 10.75 -17.95
C GLY A 207 -6.65 10.82 -18.90
N SER A 208 -6.94 10.63 -20.19
CA SER A 208 -5.91 10.57 -21.22
C SER A 208 -5.27 11.96 -21.48
N ASN A 209 -5.85 13.03 -20.91
CA ASN A 209 -5.25 14.39 -20.96
C ASN A 209 -4.27 14.72 -19.82
N ASP A 210 -4.07 13.77 -18.92
CA ASP A 210 -3.23 13.99 -17.75
C ASP A 210 -1.83 13.44 -17.95
N TRP A 211 -0.89 13.89 -17.11
CA TRP A 211 0.51 13.42 -17.21
C TRP A 211 1.12 13.77 -18.58
N THR A 212 0.61 14.86 -19.17
CA THR A 212 0.93 15.14 -20.55
C THR A 212 2.16 16.06 -20.63
N ARG A 213 3.31 15.48 -20.29
CA ARG A 213 4.60 16.21 -20.23
C ARG A 213 5.09 16.58 -21.64
N LEU A 214 4.56 15.91 -22.66
CA LEU A 214 4.88 16.26 -24.06
C LEU A 214 3.65 16.73 -24.77
N THR A 215 3.84 17.48 -25.86
CA THR A 215 2.73 17.77 -26.79
C THR A 215 3.21 17.49 -28.20
N ALA A 216 2.45 16.71 -28.97
CA ALA A 216 2.81 16.47 -30.37
C ALA A 216 1.93 17.34 -31.26
N TYR A 217 2.52 17.96 -32.29
CA TYR A 217 1.79 18.81 -33.25
C TYR A 217 2.14 18.46 -34.65
N LYS A 218 1.13 18.43 -35.50
CA LYS A 218 1.35 18.38 -36.95
C LYS A 218 1.53 19.84 -37.44
N GLU A 219 2.57 20.09 -38.24
CA GLU A 219 2.75 21.41 -38.88
C GLU A 219 3.05 21.18 -40.35
N THR A 220 2.33 21.86 -41.25
CA THR A 220 2.57 21.69 -42.66
C THR A 220 3.55 22.78 -43.10
N VAL A 221 4.65 22.37 -43.72
CA VAL A 221 5.71 23.29 -44.16
C VAL A 221 5.96 22.94 -45.61
N GLY A 222 5.75 23.93 -46.49
CA GLY A 222 5.83 23.67 -47.94
C GLY A 222 4.87 22.53 -48.29
N ASN A 223 5.39 21.48 -48.91
CA ASN A 223 4.57 20.37 -49.35
C ASN A 223 4.62 19.15 -48.41
N ALA A 224 5.14 19.33 -47.21
CA ALA A 224 5.31 18.19 -46.30
C ALA A 224 4.57 18.45 -44.99
N ASN A 225 4.07 17.36 -44.41
CA ASN A 225 3.61 17.41 -43.04
C ASN A 225 4.72 16.96 -42.10
N TYR A 226 4.93 17.74 -41.06
CA TYR A 226 5.84 17.34 -39.97
C TYR A 226 5.02 17.01 -38.72
N VAL A 227 5.44 15.97 -37.99
CA VAL A 227 4.91 15.80 -36.65
C VAL A 227 6.10 16.03 -35.74
N GLY A 228 5.97 17.03 -34.87
CA GLY A 228 7.01 17.41 -33.91
C GLY A 228 6.57 17.11 -32.49
N ILE A 229 7.55 16.81 -31.64
CA ILE A 229 7.29 16.60 -30.23
C ILE A 229 7.86 17.77 -29.43
N HIS A 230 6.98 18.41 -28.65
CA HIS A 230 7.33 19.59 -27.87
C HIS A 230 7.29 19.22 -26.40
N SER A 231 8.09 19.89 -25.56
CA SER A 231 7.76 19.80 -24.14
C SER A 231 6.49 20.59 -23.88
N SER A 232 5.61 20.05 -23.03
CA SER A 232 4.49 20.85 -22.56
C SER A 232 5.02 21.89 -21.59
N GLU A 233 4.14 22.81 -21.20
CA GLU A 233 4.58 23.92 -20.37
C GLU A 233 5.09 23.47 -18.99
N TRP A 234 6.04 24.24 -18.47
CA TRP A 234 6.64 23.98 -17.17
C TRP A 234 6.05 24.91 -16.13
N GLN A 235 6.04 24.46 -14.87
CA GLN A 235 5.61 25.27 -13.74
C GLN A 235 6.80 25.85 -12.99
N TRP A 236 6.58 26.96 -12.28
CA TRP A 236 7.66 27.61 -11.51
C TRP A 236 7.12 28.16 -10.18
N GLU A 237 6.97 29.50 -10.05
CA GLU A 237 6.54 30.12 -8.77
C GLU A 237 5.05 30.07 -8.65
N LYS A 238 4.55 29.47 -7.56
CA LYS A 238 3.10 29.31 -7.40
C LYS A 238 2.71 29.64 -5.97
N ALA A 239 1.43 29.92 -5.77
CA ALA A 239 0.91 30.31 -4.47
C ALA A 239 -0.49 29.72 -4.25
N TYR A 240 -0.92 29.68 -2.99
CA TYR A 240 -2.31 29.31 -2.72
C TYR A 240 -2.89 30.40 -1.82
N LYS A 241 -3.98 31.01 -2.26
CA LYS A 241 -4.63 32.12 -1.53
C LYS A 241 -3.61 33.16 -1.11
N GLY A 242 -2.70 33.47 -2.04
CA GLY A 242 -1.70 34.53 -1.83
C GLY A 242 -0.46 34.14 -1.04
N ILE A 243 -0.36 32.87 -0.60
CA ILE A 243 0.79 32.43 0.15
C ILE A 243 1.66 31.65 -0.81
N VAL A 244 2.86 32.17 -1.07
CA VAL A 244 3.78 31.56 -2.04
C VAL A 244 4.29 30.24 -1.47
N PHE A 245 4.32 29.19 -2.30
CA PHE A 245 4.74 27.87 -1.86
C PHE A 245 6.22 27.83 -1.49
N PRO A 246 6.63 26.78 -0.74
CA PRO A 246 8.05 26.67 -0.39
C PRO A 246 8.97 26.58 -1.62
N GLU A 247 10.22 27.02 -1.44
CA GLU A 247 11.22 26.99 -2.50
C GLU A 247 11.36 25.60 -3.14
N TYR A 248 11.24 24.53 -2.34
CA TYR A 248 11.47 23.19 -2.91
C TYR A 248 10.43 22.78 -3.97
N THR A 249 9.31 23.50 -4.04
CA THR A 249 8.29 23.22 -5.05
C THR A 249 8.71 23.72 -6.44
N LYS A 250 9.82 24.47 -6.51
CA LYS A 250 10.34 24.96 -7.81
C LYS A 250 11.41 24.04 -8.33
N GLU A 251 11.21 23.52 -9.53
CA GLU A 251 12.16 22.63 -10.14
C GLU A 251 12.50 23.25 -11.51
N LEU A 252 13.80 23.43 -11.79
CA LEU A 252 14.17 24.10 -13.06
C LEU A 252 13.73 23.25 -14.26
N PRO A 253 13.09 23.89 -15.25
CA PRO A 253 12.65 23.18 -16.45
C PRO A 253 13.79 22.45 -17.15
N SER A 254 13.48 21.25 -17.60
CA SER A 254 14.46 20.44 -18.30
C SER A 254 13.75 19.48 -19.28
N ALA A 255 14.38 19.26 -20.45
CA ALA A 255 13.89 18.27 -21.39
C ALA A 255 15.11 17.64 -22.12
N LYS A 256 14.94 16.44 -22.69
CA LYS A 256 16.05 15.81 -23.42
C LYS A 256 15.50 15.07 -24.61
N VAL A 257 16.28 14.99 -25.68
CA VAL A 257 15.97 14.15 -26.84
C VAL A 257 17.06 13.12 -26.91
N VAL A 258 16.72 11.89 -27.31
CA VAL A 258 17.77 10.91 -27.62
C VAL A 258 17.51 10.37 -29.02
N ILE A 259 18.58 10.19 -29.80
CA ILE A 259 18.47 9.80 -31.21
C ILE A 259 19.27 8.53 -31.45
N THR A 260 18.64 7.54 -32.06
CA THR A 260 19.26 6.22 -32.17
C THR A 260 19.01 5.54 -33.52
N GLU A 261 19.98 4.72 -33.92
CA GLU A 261 19.79 3.77 -35.00
C GLU A 261 19.21 2.50 -34.37
N ASP A 262 19.14 1.42 -35.14
CA ASP A 262 18.59 0.16 -34.68
C ASP A 262 19.25 -0.21 -33.35
N ALA A 263 18.44 -0.50 -32.33
CA ALA A 263 18.97 -0.73 -30.97
C ALA A 263 18.59 -2.11 -30.42
N ASN A 264 17.80 -2.87 -31.17
CA ASN A 264 17.45 -4.25 -30.75
C ASN A 264 17.77 -5.30 -31.82
N ALA A 265 18.66 -4.93 -32.76
CA ALA A 265 19.18 -5.86 -33.77
C ALA A 265 18.12 -6.53 -34.63
N ASP A 266 16.97 -5.89 -34.81
CA ASP A 266 15.92 -6.49 -35.65
C ASP A 266 15.94 -5.88 -37.06
N LYS A 267 16.94 -5.04 -37.29
CA LYS A 267 17.14 -4.41 -38.61
C LYS A 267 15.98 -3.53 -39.05
N ASN A 268 15.15 -3.08 -38.12
CA ASN A 268 14.10 -2.08 -38.42
C ASN A 268 14.31 -0.94 -37.47
N VAL A 269 14.02 0.28 -37.90
CA VAL A 269 14.11 1.40 -37.00
C VAL A 269 12.69 1.90 -36.72
N ASP A 270 12.31 1.87 -35.45
CA ASP A 270 10.96 2.25 -35.08
C ASP A 270 10.91 2.73 -33.62
N TRP A 271 9.70 2.94 -33.08
CA TRP A 271 9.61 3.52 -31.73
C TRP A 271 10.31 2.67 -30.68
N GLN A 272 10.40 1.35 -30.90
CA GLN A 272 11.01 0.48 -29.90
CA GLN A 272 11.03 0.45 -29.92
C GLN A 272 12.49 0.79 -29.70
N ASP A 273 13.21 1.12 -30.79
CA ASP A 273 14.57 1.59 -30.66
C ASP A 273 14.63 2.90 -29.86
N GLY A 274 13.74 3.82 -30.20
CA GLY A 274 13.58 5.05 -29.40
C GLY A 274 13.35 4.77 -27.91
N ALA A 275 12.50 3.79 -27.59
CA ALA A 275 12.15 3.50 -26.20
C ALA A 275 13.32 2.91 -25.40
N ILE A 276 14.11 2.04 -26.05
CA ILE A 276 15.32 1.54 -25.44
C ILE A 276 16.27 2.68 -25.12
N ALA A 277 16.51 3.55 -26.10
CA ALA A 277 17.41 4.68 -25.90
C ALA A 277 16.86 5.65 -24.86
N TYR A 278 15.53 5.81 -24.83
CA TYR A 278 14.86 6.72 -23.87
C TYR A 278 15.21 6.40 -22.40
N ARG A 279 15.51 5.14 -22.10
CA ARG A 279 15.87 4.79 -20.73
C ARG A 279 17.10 5.54 -20.21
N SER A 280 17.97 5.99 -21.12
CA SER A 280 19.14 6.77 -20.72
C SER A 280 18.83 8.24 -20.38
N ILE A 281 17.68 8.75 -20.82
CA ILE A 281 17.37 10.17 -20.58
C ILE A 281 16.18 10.40 -19.63
N MET A 282 15.46 9.32 -19.29
CA MET A 282 14.21 9.46 -18.52
C MET A 282 14.44 9.64 -17.01
N ASN A 283 13.49 10.30 -16.34
CA ASN A 283 13.43 10.21 -14.88
C ASN A 283 13.21 8.74 -14.49
N ASN A 284 13.77 8.34 -13.34
CA ASN A 284 13.52 7.01 -12.80
C ASN A 284 12.91 7.18 -11.40
N PRO A 285 11.71 6.61 -11.16
CA PRO A 285 11.06 6.79 -9.84
C PRO A 285 11.96 6.26 -8.73
N GLN A 286 12.12 7.06 -7.68
CA GLN A 286 13.04 6.70 -6.63
C GLN A 286 12.66 5.37 -6.00
N GLY A 287 13.67 4.53 -5.83
CA GLY A 287 13.48 3.20 -5.24
C GLY A 287 13.11 2.11 -6.25
N TRP A 288 13.06 2.45 -7.54
CA TRP A 288 12.62 1.47 -8.56
C TRP A 288 13.44 0.19 -8.57
N GLU A 289 14.72 0.26 -8.23
CA GLU A 289 15.60 -0.92 -8.27
C GLU A 289 15.14 -2.06 -7.39
N LYS A 290 14.44 -1.71 -6.30
CA LYS A 290 13.93 -2.73 -5.36
C LYS A 290 12.79 -3.56 -5.92
N VAL A 291 12.05 -2.99 -6.86
CA VAL A 291 10.75 -3.54 -7.26
C VAL A 291 10.85 -5.00 -7.76
N LYS A 292 11.83 -5.26 -8.62
CA LYS A 292 11.96 -6.57 -9.27
C LYS A 292 12.15 -7.70 -8.24
N ASP A 293 12.65 -7.38 -7.05
CA ASP A 293 12.83 -8.44 -6.02
C ASP A 293 11.80 -8.48 -4.92
N ILE A 294 10.83 -7.57 -4.97
CA ILE A 294 9.71 -7.65 -4.03
C ILE A 294 8.64 -8.54 -4.64
N THR A 295 8.75 -9.83 -4.37
CA THR A 295 7.89 -10.82 -4.96
C THR A 295 6.60 -11.00 -4.16
N ALA A 296 6.69 -10.85 -2.84
CA ALA A 296 5.57 -11.13 -1.97
C ALA A 296 5.08 -9.85 -1.26
N TYR A 297 4.24 -9.07 -1.93
CA TYR A 297 3.55 -7.95 -1.30
C TYR A 297 2.34 -8.46 -0.53
N ARG A 298 1.96 -7.72 0.52
CA ARG A 298 0.70 -7.96 1.25
C ARG A 298 0.53 -6.86 2.29
N ILE A 299 -0.65 -6.81 2.88
CA ILE A 299 -0.97 -5.82 3.91
C ILE A 299 -1.13 -6.51 5.25
N ALA A 300 -0.53 -5.93 6.31
CA ALA A 300 -0.81 -6.37 7.68
C ALA A 300 -1.59 -5.24 8.34
N MET A 301 -2.79 -5.57 8.84
CA MET A 301 -3.74 -4.57 9.26
C MET A 301 -3.93 -4.49 10.79
N ASN A 302 -3.97 -3.25 11.30
CA ASN A 302 -4.43 -2.96 12.67
C ASN A 302 -5.56 -1.95 12.58
N PHE A 303 -6.49 -2.04 13.52
CA PHE A 303 -7.71 -1.23 13.41
C PHE A 303 -8.45 -1.18 14.73
N GLY A 304 -8.93 0.02 15.08
CA GLY A 304 -9.86 0.23 16.19
C GLY A 304 -9.32 -0.15 17.56
N SER A 305 -8.02 0.12 17.80
CA SER A 305 -7.40 -0.09 19.11
C SER A 305 -7.12 -1.57 19.40
N GLN A 306 -7.47 -2.43 18.45
CA GLN A 306 -7.38 -3.89 18.67
C GLN A 306 -5.98 -4.51 18.66
N ALA A 307 -5.04 -3.87 17.96
CA ALA A 307 -3.66 -4.41 17.82
C ALA A 307 -3.67 -5.87 17.31
N GLN A 308 -4.44 -6.08 16.24
CA GLN A 308 -4.54 -7.39 15.56
C GLN A 308 -3.18 -7.92 15.11
N ASN A 309 -2.30 -7.00 14.71
CA ASN A 309 -1.01 -7.37 14.12
C ASN A 309 0.12 -6.52 14.71
N PRO A 310 0.55 -6.83 15.96
CA PRO A 310 1.72 -6.13 16.56
C PRO A 310 2.92 -6.21 15.66
N PHE A 311 3.75 -5.19 15.68
CA PHE A 311 4.91 -5.14 14.81
C PHE A 311 5.75 -6.42 14.90
N LEU A 312 5.98 -6.91 16.12
CA LEU A 312 6.86 -8.08 16.25
C LEU A 312 6.23 -9.37 15.72
N MET A 313 4.90 -9.41 15.69
CA MET A 313 4.22 -10.57 15.14
CA MET A 313 4.20 -10.55 15.13
C MET A 313 4.38 -10.63 13.62
N THR A 314 4.41 -9.47 12.98
CA THR A 314 4.55 -9.42 11.52
C THR A 314 5.89 -10.05 11.11
N LEU A 315 6.89 -9.97 11.98
CA LEU A 315 8.17 -10.60 11.72
C LEU A 315 8.01 -12.14 11.63
N ASP A 316 7.10 -12.74 12.42
CA ASP A 316 6.88 -14.20 12.29
C ASP A 316 6.22 -14.53 10.97
N GLY A 317 5.28 -13.68 10.53
CA GLY A 317 4.68 -13.86 9.19
C GLY A 317 5.75 -13.80 8.10
N ILE A 318 6.66 -12.85 8.22
CA ILE A 318 7.78 -12.75 7.27
C ILE A 318 8.62 -14.05 7.23
N LYS A 319 8.86 -14.62 8.42
CA LYS A 319 9.64 -15.87 8.48
C LYS A 319 8.89 -17.03 7.84
N LYS A 320 7.58 -17.10 8.03
CA LYS A 320 6.78 -18.15 7.36
C LYS A 320 6.97 -18.06 5.83
N ILE A 321 6.83 -16.83 5.31
CA ILE A 321 6.92 -16.61 3.86
C ILE A 321 8.35 -16.84 3.34
N ASN A 322 9.35 -16.47 4.14
CA ASN A 322 10.74 -16.74 3.79
C ASN A 322 10.97 -18.24 3.59
N LEU A 323 10.49 -19.06 4.54
CA LEU A 323 10.58 -20.52 4.40
C LEU A 323 9.81 -21.04 3.18
N HIS A 324 8.56 -20.61 3.04
CA HIS A 324 7.64 -21.19 2.06
C HIS A 324 8.06 -20.83 0.62
N THR A 325 8.70 -19.66 0.44
CA THR A 325 9.15 -19.25 -0.89
C THR A 325 10.64 -19.55 -1.09
N ASP A 326 11.31 -20.13 -0.08
CA ASP A 326 12.76 -20.30 -0.14
C ASP A 326 13.50 -18.97 -0.43
N GLY A 327 13.14 -17.93 0.28
CA GLY A 327 13.95 -16.73 0.25
C GLY A 327 13.60 -15.74 -0.84
N LEU A 328 12.33 -15.67 -1.22
CA LEU A 328 11.92 -14.56 -2.11
C LEU A 328 11.67 -13.28 -1.31
N GLY A 329 11.88 -12.14 -1.96
CA GLY A 329 11.72 -10.81 -1.29
C GLY A 329 10.28 -10.49 -1.01
N GLN A 330 10.04 -9.57 -0.06
CA GLN A 330 8.70 -9.33 0.45
C GLN A 330 8.49 -7.86 0.66
N GLY A 331 7.23 -7.44 0.62
CA GLY A 331 6.90 -6.04 0.87
C GLY A 331 5.64 -6.06 1.69
N VAL A 332 5.73 -5.62 2.96
CA VAL A 332 4.57 -5.67 3.83
C VAL A 332 4.11 -4.24 4.13
N LEU A 333 2.92 -3.89 3.64
CA LEU A 333 2.32 -2.60 3.89
C LEU A 333 1.57 -2.64 5.22
N LEU A 334 2.01 -1.82 6.15
CA LEU A 334 1.45 -1.75 7.47
C LEU A 334 0.31 -0.73 7.47
N LYS A 335 -0.90 -1.23 7.21
CA LYS A 335 -2.08 -0.41 7.19
C LYS A 335 -2.62 -0.39 8.60
N GLY A 336 -2.43 0.74 9.28
CA GLY A 336 -2.72 0.84 10.71
C GLY A 336 -1.45 0.83 11.57
N TYR A 337 -0.30 1.22 10.99
CA TYR A 337 0.97 1.32 11.74
C TYR A 337 0.92 2.42 12.82
N GLY A 338 -0.04 3.35 12.68
CA GLY A 338 -0.06 4.60 13.49
C GLY A 338 -1.29 4.69 14.36
N SER A 339 -1.22 5.49 15.43
CA SER A 339 -2.37 5.82 16.24
C SER A 339 -3.07 4.54 16.70
N GLU A 340 -4.40 4.51 16.67
CA GLU A 340 -5.19 3.34 17.08
C GLU A 340 -5.33 2.30 15.98
N GLY A 341 -4.76 2.58 14.80
CA GLY A 341 -4.83 1.67 13.64
C GLY A 341 -5.25 2.39 12.35
N HIS A 342 -5.73 1.61 11.40
CA HIS A 342 -6.09 2.10 10.07
C HIS A 342 -7.24 3.09 10.19
N ASP A 343 -7.06 4.25 9.56
CA ASP A 343 -8.07 5.34 9.61
C ASP A 343 -8.31 5.93 11.00
N SER A 344 -7.28 5.85 11.85
CA SER A 344 -7.22 6.65 13.08
C SER A 344 -6.08 7.68 12.98
N GLY A 345 -6.27 8.86 13.56
CA GLY A 345 -5.13 9.77 13.82
C GLY A 345 -4.37 10.29 12.58
N HIS A 346 -5.07 10.44 11.45
CA HIS A 346 -4.40 10.79 10.19
C HIS A 346 -3.69 12.14 10.25
N LEU A 347 -2.62 12.23 9.46
CA LEU A 347 -1.74 13.41 9.35
C LEU A 347 -0.57 13.42 10.35
N ASN A 348 -0.79 12.83 11.53
CA ASN A 348 0.32 12.74 12.48
C ASN A 348 1.15 11.54 12.15
N TYR A 349 1.99 11.69 11.12
CA TYR A 349 2.72 10.53 10.56
C TYR A 349 3.67 9.92 11.61
N ALA A 350 4.20 10.78 12.49
CA ALA A 350 5.13 10.35 13.53
C ALA A 350 4.47 9.57 14.68
N ASP A 351 3.13 9.56 14.74
CA ASP A 351 2.44 8.90 15.84
C ASP A 351 2.40 7.38 15.57
N ILE A 352 3.49 6.69 15.86
CA ILE A 352 3.56 5.24 15.60
C ILE A 352 2.71 4.53 16.66
N GLY A 353 1.90 3.58 16.23
CA GLY A 353 0.93 2.95 17.13
C GLY A 353 1.54 2.38 18.41
N LYS A 354 1.10 2.90 19.54
CA LYS A 354 1.60 2.41 20.84
C LYS A 354 1.12 1.01 21.21
N ARG A 355 -0.14 0.68 20.90
CA ARG A 355 -0.66 -0.59 21.36
C ARG A 355 -0.11 -1.76 20.54
N ILE A 356 0.54 -1.47 19.39
CA ILE A 356 1.15 -2.55 18.60
C ILE A 356 2.67 -2.66 18.86
N GLY A 357 3.17 -1.84 19.79
CA GLY A 357 4.57 -1.93 20.25
C GLY A 357 5.39 -0.68 20.06
N GLY A 358 4.78 0.34 19.47
CA GLY A 358 5.43 1.65 19.36
C GLY A 358 6.65 1.68 18.45
N VAL A 359 7.37 2.81 18.50
CA VAL A 359 8.54 3.00 17.62
C VAL A 359 9.62 1.95 17.90
N GLU A 360 9.77 1.53 19.16
CA GLU A 360 10.79 0.54 19.51
CA GLU A 360 10.84 0.59 19.43
C GLU A 360 10.57 -0.76 18.75
N ASP A 361 9.34 -1.25 18.76
CA ASP A 361 9.11 -2.53 18.08
C ASP A 361 9.11 -2.37 16.56
N PHE A 362 8.69 -1.20 16.07
CA PHE A 362 8.71 -0.92 14.63
C PHE A 362 10.21 -0.95 14.16
N LYS A 363 11.08 -0.27 14.90
CA LYS A 363 12.52 -0.30 14.58
C LYS A 363 13.07 -1.72 14.55
N THR A 364 12.67 -2.55 15.54
CA THR A 364 13.13 -3.94 15.58
C THR A 364 12.62 -4.74 14.38
N LEU A 365 11.34 -4.58 14.06
CA LEU A 365 10.78 -5.20 12.84
C LEU A 365 11.57 -4.86 11.57
N ILE A 366 11.80 -3.56 11.34
CA ILE A 366 12.56 -3.11 10.16
C ILE A 366 13.96 -3.76 10.12
N GLU A 367 14.67 -3.70 11.25
CA GLU A 367 16.03 -4.20 11.28
C GLU A 367 16.12 -5.71 11.05
N LYS A 368 15.33 -6.48 11.79
CA LYS A 368 15.40 -7.94 11.68
C LYS A 368 14.84 -8.47 10.36
N ALA A 369 13.98 -7.70 9.71
CA ALA A 369 13.38 -8.11 8.44
C ALA A 369 14.39 -8.06 7.29
N LYS A 370 15.44 -7.24 7.45
CA LYS A 370 16.40 -7.03 6.34
C LYS A 370 16.97 -8.34 5.83
N LYS A 371 17.35 -9.23 6.75
CA LYS A 371 17.99 -10.48 6.30
C LYS A 371 17.04 -11.39 5.52
N TYR A 372 15.73 -11.15 5.64
CA TYR A 372 14.75 -11.91 4.86
C TYR A 372 14.35 -11.17 3.59
N GLY A 373 15.02 -10.05 3.31
CA GLY A 373 14.63 -9.23 2.14
C GLY A 373 13.20 -8.73 2.23
N ALA A 374 12.73 -8.50 3.45
CA ALA A 374 11.36 -8.05 3.66
C ALA A 374 11.38 -6.56 3.94
N HIS A 375 10.74 -5.79 3.08
CA HIS A 375 10.72 -4.34 3.15
C HIS A 375 9.39 -3.91 3.73
N LEU A 376 9.40 -2.91 4.60
CA LEU A 376 8.17 -2.46 5.21
C LEU A 376 7.72 -1.15 4.57
N GLY A 377 6.42 -0.98 4.46
CA GLY A 377 5.84 0.30 4.07
C GLY A 377 4.71 0.66 5.01
N ILE A 378 4.32 1.94 5.01
CA ILE A 378 3.19 2.36 5.84
C ILE A 378 2.13 3.05 5.02
N HIS A 379 0.88 2.95 5.51
CA HIS A 379 -0.25 3.62 4.88
C HIS A 379 -0.44 4.95 5.58
N VAL A 380 -0.45 6.02 4.81
CA VAL A 380 -0.69 7.37 5.35
C VAL A 380 -1.78 8.06 4.55
N ASN A 381 -2.24 9.21 5.05
CA ASN A 381 -3.28 9.95 4.37
C ASN A 381 -2.85 11.42 4.36
N ALA A 382 -2.99 12.08 3.22
CA ALA A 382 -2.66 13.50 3.12
C ALA A 382 -3.90 14.27 2.62
N SER A 383 -5.08 13.73 2.87
CA SER A 383 -6.32 14.32 2.34
C SER A 383 -7.48 14.58 3.33
N GLU A 384 -7.43 13.97 4.52
CA GLU A 384 -8.50 14.13 5.51
C GLU A 384 -7.95 13.79 6.88
N THR A 385 -8.65 14.25 7.91
CA THR A 385 -8.22 13.98 9.28
C THR A 385 -9.42 13.93 10.22
N TYR A 386 -9.19 13.53 11.46
CA TYR A 386 -10.22 13.37 12.49
C TYR A 386 -9.86 14.27 13.65
N PRO A 387 -10.87 14.70 14.42
CA PRO A 387 -10.64 15.61 15.55
C PRO A 387 -9.54 15.15 16.51
N GLU A 388 -9.44 13.84 16.72
CA GLU A 388 -8.44 13.30 17.62
C GLU A 388 -6.98 13.67 17.23
N SER A 389 -6.75 13.89 15.93
CA SER A 389 -5.35 14.05 15.44
C SER A 389 -4.78 15.37 15.91
N LYS A 390 -3.51 15.35 16.34
CA LYS A 390 -2.78 16.57 16.70
C LYS A 390 -2.87 17.66 15.62
N TYR A 391 -2.94 17.26 14.35
CA TYR A 391 -3.00 18.21 13.23
C TYR A 391 -4.38 18.69 12.79
N PHE A 392 -5.42 18.20 13.44
CA PHE A 392 -6.77 18.71 13.21
C PHE A 392 -6.83 20.17 13.74
N ASN A 393 -7.13 21.12 12.88
CA ASN A 393 -7.21 22.52 13.28
C ASN A 393 -8.15 23.14 12.25
N GLU A 394 -8.91 24.17 12.65
CA GLU A 394 -9.82 24.81 11.68
C GLU A 394 -9.11 25.25 10.39
N LYS A 395 -7.87 25.72 10.52
CA LYS A 395 -7.19 26.36 9.39
C LYS A 395 -6.85 25.40 8.25
N ILE A 396 -6.64 24.14 8.60
CA ILE A 396 -6.29 23.10 7.60
C ILE A 396 -7.49 22.46 6.89
N LEU A 397 -8.68 22.60 7.48
CA LEU A 397 -9.86 21.92 6.96
C LEU A 397 -10.37 22.50 5.66
N ARG A 398 -10.82 21.61 4.77
CA ARG A 398 -11.41 22.03 3.51
C ARG A 398 -12.86 22.48 3.70
N LYS A 399 -13.19 23.65 3.17
CA LYS A 399 -14.56 24.17 3.21
C LYS A 399 -15.09 24.27 1.78
N ASN A 400 -16.39 24.07 1.63
CA ASN A 400 -17.10 24.31 0.37
C ASN A 400 -17.25 25.83 0.10
N PRO A 401 -17.59 26.22 -1.15
CA PRO A 401 -17.84 27.64 -1.40
C PRO A 401 -18.90 28.26 -0.49
N ASP A 402 -19.91 27.50 -0.07
CA ASP A 402 -20.92 28.02 0.86
C ASP A 402 -20.50 28.09 2.34
N GLY A 403 -19.26 27.72 2.63
CA GLY A 403 -18.75 27.79 4.00
C GLY A 403 -18.87 26.51 4.82
N SER A 404 -19.59 25.52 4.30
CA SER A 404 -19.78 24.26 5.02
C SER A 404 -18.49 23.42 4.95
N TYR A 405 -18.29 22.54 5.93
CA TYR A 405 -17.17 21.58 5.86
C TYR A 405 -17.32 20.62 4.70
N SER A 406 -16.20 20.31 4.05
CA SER A 406 -16.14 19.22 3.09
C SER A 406 -15.88 17.96 3.95
N TYR A 407 -16.95 17.24 4.31
CA TYR A 407 -16.77 16.09 5.19
C TYR A 407 -16.09 14.95 4.47
N GLY A 408 -15.21 14.25 5.18
CA GLY A 408 -14.50 13.11 4.63
C GLY A 408 -15.06 11.80 5.14
N TRP A 409 -14.17 10.83 5.30
CA TRP A 409 -14.58 9.48 5.66
C TRP A 409 -15.22 9.44 7.05
N ASN A 410 -16.25 8.60 7.20
CA ASN A 410 -16.87 8.32 8.51
C ASN A 410 -16.73 6.82 8.76
N TRP A 411 -16.08 6.43 9.84
CA TRP A 411 -16.05 4.99 10.20
C TRP A 411 -15.92 4.82 11.71
N LEU A 412 -14.71 4.99 12.25
CA LEU A 412 -14.58 5.05 13.71
C LEU A 412 -15.05 6.40 14.26
N ASP A 413 -14.80 7.44 13.49
CA ASP A 413 -15.22 8.82 13.81
C ASP A 413 -15.58 9.48 12.49
N GLN A 414 -16.17 10.68 12.57
CA GLN A 414 -16.46 11.45 11.35
C GLN A 414 -15.25 12.37 11.04
N GLY A 415 -14.60 12.14 9.89
CA GLY A 415 -13.45 12.97 9.47
C GLY A 415 -13.87 14.13 8.56
N ILE A 416 -12.96 15.07 8.35
CA ILE A 416 -13.19 16.22 7.49
C ILE A 416 -12.00 16.29 6.54
N ASN A 417 -12.29 16.52 5.27
CA ASN A 417 -11.24 16.67 4.29
C ASN A 417 -10.36 17.88 4.62
N ILE A 418 -9.09 17.79 4.25
CA ILE A 418 -8.20 18.95 4.41
C ILE A 418 -7.90 19.54 3.06
N ASP A 419 -7.39 20.77 3.09
CA ASP A 419 -7.07 21.49 1.90
C ASP A 419 -5.57 21.28 1.65
N ALA A 420 -5.26 20.42 0.66
CA ALA A 420 -3.89 19.94 0.47
C ALA A 420 -2.97 21.09 0.05
N ALA A 421 -3.54 22.03 -0.71
CA ALA A 421 -2.71 23.16 -1.13
C ALA A 421 -2.34 24.06 0.06
N TYR A 422 -3.32 24.35 0.91
CA TYR A 422 -3.06 25.04 2.18
C TYR A 422 -1.99 24.26 2.98
N ASP A 423 -2.15 22.95 3.05
CA ASP A 423 -1.25 22.12 3.84
C ASP A 423 0.20 22.27 3.34
N LEU A 424 0.39 22.14 2.02
CA LEU A 424 1.71 22.32 1.42
C LEU A 424 2.30 23.68 1.78
N ALA A 425 1.46 24.72 1.72
CA ALA A 425 1.89 26.09 1.98
C ALA A 425 2.13 26.39 3.47
N HIS A 426 1.77 25.45 4.33
CA HIS A 426 1.86 25.63 5.78
C HIS A 426 2.47 24.42 6.48
N GLY A 427 3.66 24.01 6.02
CA GLY A 427 4.49 23.08 6.80
C GLY A 427 4.22 21.58 6.71
N ARG A 428 3.55 21.13 5.65
CA ARG A 428 3.36 19.68 5.49
C ARG A 428 4.69 18.93 5.55
N LEU A 429 5.72 19.48 4.89
CA LEU A 429 7.04 18.81 4.85
C LEU A 429 7.53 18.40 6.25
N ALA A 430 7.37 19.30 7.21
CA ALA A 430 7.83 19.00 8.57
C ALA A 430 7.22 17.72 9.16
N ARG A 431 5.98 17.38 8.80
CA ARG A 431 5.37 16.15 9.33
C ARG A 431 6.13 14.91 8.87
N TRP A 432 6.58 14.89 7.59
CA TRP A 432 7.39 13.75 7.14
C TRP A 432 8.72 13.74 7.86
N GLU A 433 9.34 14.92 8.02
CA GLU A 433 10.63 15.01 8.72
C GLU A 433 10.54 14.50 10.17
N ASP A 434 9.43 14.80 10.84
CA ASP A 434 9.20 14.32 12.21
C ASP A 434 9.14 12.81 12.29
N LEU A 435 8.41 12.20 11.34
CA LEU A 435 8.38 10.73 11.27
C LEU A 435 9.79 10.17 11.02
N LYS A 436 10.53 10.78 10.10
CA LYS A 436 11.89 10.29 9.79
C LYS A 436 12.79 10.39 11.05
N LYS A 437 12.67 11.50 11.76
CA LYS A 437 13.49 11.70 12.98
C LYS A 437 13.19 10.61 14.02
N LYS A 438 11.91 10.27 14.17
CA LYS A 438 11.48 9.33 15.22
C LYS A 438 11.80 7.90 14.84
N LEU A 439 11.52 7.54 13.60
CA LEU A 439 11.64 6.15 13.15
C LEU A 439 13.08 5.75 12.78
N GLY A 440 13.83 6.70 12.18
CA GLY A 440 15.16 6.44 11.69
C GLY A 440 15.15 5.79 10.30
N ASP A 441 16.19 5.02 9.99
CA ASP A 441 16.44 4.53 8.63
C ASP A 441 15.77 3.18 8.38
N GLY A 442 15.70 2.80 7.12
CA GLY A 442 15.37 1.41 6.75
C GLY A 442 13.93 1.18 6.32
N LEU A 443 13.02 2.13 6.58
CA LEU A 443 11.67 2.00 6.03
C LEU A 443 11.76 2.10 4.50
N ASP A 444 10.98 1.26 3.80
CA ASP A 444 11.05 1.25 2.34
C ASP A 444 10.10 2.28 1.73
N PHE A 445 8.79 2.07 1.89
CA PHE A 445 7.84 2.84 1.10
C PHE A 445 6.77 3.55 1.90
N ILE A 446 6.32 4.69 1.38
CA ILE A 446 5.15 5.36 1.89
C ILE A 446 4.03 5.16 0.87
N TYR A 447 2.92 4.58 1.33
CA TYR A 447 1.72 4.42 0.48
C TYR A 447 0.72 5.51 0.89
N VAL A 448 0.44 6.43 -0.02
CA VAL A 448 -0.46 7.53 0.31
C VAL A 448 -1.83 7.16 -0.24
N ASN A 449 -2.74 6.81 0.67
CA ASN A 449 -4.08 6.38 0.30
C ASN A 449 -4.90 7.59 -0.14
N VAL A 450 -5.87 7.34 -1.03
CA VAL A 450 -6.90 8.29 -1.44
C VAL A 450 -6.39 9.43 -2.39
N TRP A 451 -5.17 9.93 -2.16
CA TRP A 451 -4.59 10.98 -2.97
C TRP A 451 -4.79 10.71 -4.47
N GLY A 452 -5.34 11.68 -5.19
CA GLY A 452 -5.64 11.49 -6.62
C GLY A 452 -7.13 11.53 -6.87
N ASN A 453 -7.93 11.47 -5.82
CA ASN A 453 -9.39 11.44 -5.99
C ASN A 453 -10.03 12.80 -5.78
N GLY A 454 -9.22 13.81 -5.47
CA GLY A 454 -9.72 15.18 -5.27
C GLY A 454 -10.37 15.57 -3.94
N GLN A 455 -10.42 14.65 -2.98
CA GLN A 455 -10.99 14.99 -1.64
C GLN A 455 -10.32 16.23 -1.03
N SER A 456 -9.01 16.37 -1.23
CA SER A 456 -8.26 17.44 -0.59
C SER A 456 -7.95 18.52 -1.62
N GLY A 457 -8.70 18.51 -2.73
CA GLY A 457 -8.55 19.52 -3.78
C GLY A 457 -7.65 19.01 -4.89
N ASP A 458 -6.70 19.84 -5.31
CA ASP A 458 -5.86 19.48 -6.46
C ASP A 458 -4.87 18.35 -6.07
N ASN A 459 -4.99 17.20 -6.75
CA ASN A 459 -4.11 16.08 -6.49
C ASN A 459 -3.47 15.66 -7.82
N GLY A 460 -3.30 16.62 -8.74
CA GLY A 460 -2.87 16.30 -10.12
C GLY A 460 -1.36 16.13 -10.23
N ALA A 461 -0.85 16.17 -11.46
CA ALA A 461 0.57 15.82 -11.71
C ALA A 461 1.53 16.72 -10.90
N TRP A 462 1.36 18.04 -10.96
CA TRP A 462 2.26 18.95 -10.25
C TRP A 462 2.21 18.70 -8.72
N ALA A 463 1.00 18.62 -8.17
CA ALA A 463 0.85 18.47 -6.72
C ALA A 463 1.38 17.11 -6.25
N THR A 464 1.22 16.09 -7.09
CA THR A 464 1.70 14.73 -6.76
C THR A 464 3.22 14.68 -6.80
N HIS A 465 3.82 15.36 -7.80
CA HIS A 465 5.28 15.41 -7.88
C HIS A 465 5.85 16.07 -6.61
N VAL A 466 5.22 17.17 -6.19
CA VAL A 466 5.67 17.86 -4.96
C VAL A 466 5.58 16.94 -3.73
N LEU A 467 4.45 16.28 -3.57
CA LEU A 467 4.21 15.34 -2.47
C LEU A 467 5.24 14.22 -2.49
N ALA A 468 5.47 13.64 -3.68
CA ALA A 468 6.42 12.55 -3.83
C ALA A 468 7.83 13.00 -3.49
N LYS A 469 8.18 14.22 -3.88
CA LYS A 469 9.51 14.75 -3.57
C LYS A 469 9.70 14.90 -2.06
N GLU A 470 8.67 15.32 -1.34
CA GLU A 470 8.79 15.41 0.13
C GLU A 470 9.12 14.02 0.71
N ILE A 471 8.40 13.03 0.24
CA ILE A 471 8.55 11.67 0.76
C ILE A 471 9.92 11.06 0.35
N ASN A 472 10.28 11.21 -0.93
CA ASN A 472 11.55 10.71 -1.44
C ASN A 472 12.72 11.35 -0.71
N LYS A 473 12.58 12.62 -0.33
CA LYS A 473 13.68 13.34 0.36
C LYS A 473 14.05 12.69 1.70
N GLN A 474 13.09 12.01 2.32
CA GLN A 474 13.36 11.32 3.58
C GLN A 474 14.02 9.97 3.33
N GLY A 475 14.14 9.57 2.07
CA GLY A 475 14.75 8.27 1.70
C GLY A 475 13.72 7.18 1.43
N TRP A 476 12.46 7.59 1.28
CA TRP A 476 11.37 6.64 1.10
C TRP A 476 10.90 6.57 -0.36
N ARG A 477 10.45 5.39 -0.74
CA ARG A 477 9.89 5.11 -2.06
C ARG A 477 8.38 5.43 -2.09
N PHE A 478 7.86 5.95 -3.21
CA PHE A 478 6.49 6.44 -3.28
C PHE A 478 5.55 5.36 -3.86
N ALA A 479 4.38 5.22 -3.25
CA ALA A 479 3.35 4.28 -3.68
C ALA A 479 1.97 4.93 -3.51
N ILE A 480 1.02 4.51 -4.36
CA ILE A 480 -0.20 5.24 -4.51
C ILE A 480 -1.39 4.27 -4.72
N GLU A 481 -2.62 4.76 -4.55
CA GLU A 481 -3.80 3.89 -4.66
C GLU A 481 -4.23 3.60 -6.11
N TRP A 482 -4.39 4.67 -6.87
CA TRP A 482 -5.01 4.62 -8.20
C TRP A 482 -4.09 4.19 -9.34
N GLY A 483 -4.65 3.48 -10.32
CA GLY A 483 -3.89 3.09 -11.51
C GLY A 483 -3.38 4.31 -12.26
N HIS A 484 -4.15 5.39 -12.22
CA HIS A 484 -3.78 6.65 -12.88
C HIS A 484 -2.95 7.63 -12.04
N GLY A 485 -2.68 7.29 -10.77
CA GLY A 485 -1.97 8.25 -9.87
C GLY A 485 -0.47 8.17 -10.00
N GLY A 486 0.22 9.27 -9.63
CA GLY A 486 1.68 9.28 -9.51
C GLY A 486 2.45 8.65 -10.67
N GLU A 487 2.10 8.99 -11.90
CA GLU A 487 2.72 8.29 -13.04
C GLU A 487 4.23 8.57 -13.05
N TYR A 488 4.61 9.76 -12.62
CA TYR A 488 6.01 10.18 -12.67
C TYR A 488 6.85 9.53 -11.57
N ASP A 489 6.33 9.48 -10.34
CA ASP A 489 7.13 9.05 -9.16
C ASP A 489 6.74 7.73 -8.50
N SER A 490 5.55 7.20 -8.81
CA SER A 490 5.12 5.99 -8.11
C SER A 490 5.80 4.69 -8.59
N THR A 491 5.97 3.75 -7.68
CA THR A 491 6.53 2.44 -8.02
C THR A 491 5.51 1.32 -7.77
N PHE A 492 4.33 1.66 -7.26
CA PHE A 492 3.32 0.66 -6.88
C PHE A 492 1.96 1.34 -6.84
N HIS A 493 0.95 0.66 -7.39
CA HIS A 493 -0.38 1.22 -7.47
C HIS A 493 -1.32 0.14 -6.97
N HIS A 494 -2.00 0.39 -5.86
CA HIS A 494 -2.80 -0.69 -5.27
C HIS A 494 -3.90 -1.22 -6.23
N TRP A 495 -4.57 -0.32 -6.94
CA TRP A 495 -5.62 -0.73 -7.89
C TRP A 495 -5.09 -1.38 -9.18
N ALA A 496 -3.77 -1.32 -9.43
CA ALA A 496 -3.15 -2.13 -10.48
C ALA A 496 -2.81 -3.51 -9.93
N ALA A 497 -2.27 -3.56 -8.70
CA ALA A 497 -1.72 -4.81 -8.11
C ALA A 497 -2.77 -5.73 -7.50
N ASP A 498 -3.85 -5.17 -6.95
CA ASP A 498 -4.97 -6.02 -6.52
C ASP A 498 -5.96 -6.09 -7.68
N LEU A 499 -5.91 -7.21 -8.39
CA LEU A 499 -6.65 -7.32 -9.64
C LEU A 499 -8.16 -7.29 -9.43
N THR A 500 -8.62 -7.60 -8.22
CA THR A 500 -10.07 -7.65 -7.95
C THR A 500 -10.72 -6.29 -7.88
N TYR A 501 -9.93 -5.22 -7.65
CA TYR A 501 -10.55 -3.89 -7.47
C TYR A 501 -11.07 -3.20 -8.69
N GLY A 502 -12.24 -2.57 -8.53
CA GLY A 502 -12.64 -1.49 -9.44
C GLY A 502 -13.19 -1.87 -10.81
N GLY A 503 -12.99 -3.11 -11.22
CA GLY A 503 -13.50 -3.54 -12.53
C GLY A 503 -12.61 -3.05 -13.66
N TYR A 504 -13.03 -3.38 -14.89
CA TYR A 504 -12.14 -3.27 -16.05
C TYR A 504 -11.71 -1.82 -16.44
N THR A 505 -12.44 -0.81 -15.95
CA THR A 505 -12.10 0.57 -16.31
C THR A 505 -11.10 1.25 -15.36
N ASN A 506 -10.70 0.55 -14.29
CA ASN A 506 -9.95 1.14 -13.17
C ASN A 506 -8.70 0.36 -12.81
N LYS A 507 -8.04 -0.25 -13.80
CA LYS A 507 -6.88 -1.12 -13.50
C LYS A 507 -5.59 -0.36 -13.80
N GLY A 508 -4.51 -1.10 -14.10
CA GLY A 508 -3.20 -0.49 -14.35
C GLY A 508 -3.11 0.19 -15.70
N ILE A 509 -1.90 0.65 -16.05
CA ILE A 509 -1.71 1.50 -17.24
C ILE A 509 -1.74 0.61 -18.50
N ASN A 510 -2.80 0.78 -19.28
CA ASN A 510 -2.98 -0.02 -20.49
C ASN A 510 -2.26 0.62 -21.67
N SER A 511 -0.94 0.46 -21.71
CA SER A 511 -0.11 1.05 -22.76
C SER A 511 1.07 0.14 -22.99
N ALA A 512 1.18 -0.44 -24.19
CA ALA A 512 2.39 -1.22 -24.54
C ALA A 512 3.65 -0.36 -24.53
N ILE A 513 3.56 0.87 -25.03
CA ILE A 513 4.72 1.75 -25.06
C ILE A 513 5.23 2.00 -23.62
N THR A 514 4.32 2.34 -22.72
CA THR A 514 4.73 2.69 -21.36
C THR A 514 5.27 1.44 -20.66
N ARG A 515 4.60 0.30 -20.85
CA ARG A 515 5.06 -0.94 -20.19
C ARG A 515 6.40 -1.42 -20.74
N PHE A 516 6.59 -1.27 -22.06
CA PHE A 516 7.89 -1.57 -22.69
C PHE A 516 8.98 -0.81 -21.93
N ILE A 517 8.77 0.49 -21.75
CA ILE A 517 9.76 1.35 -21.16
C ILE A 517 10.02 1.02 -19.69
N ARG A 518 8.95 0.82 -18.92
CA ARG A 518 9.06 0.84 -17.45
C ARG A 518 8.64 -0.44 -16.73
N ASN A 519 8.37 -1.52 -17.46
CA ASN A 519 7.88 -2.73 -16.81
C ASN A 519 8.71 -3.14 -15.59
N HIS A 520 10.03 -3.00 -15.69
CA HIS A 520 10.96 -3.45 -14.65
C HIS A 520 11.06 -2.52 -13.44
N GLN A 521 10.37 -1.38 -13.48
CA GLN A 521 10.57 -0.34 -12.47
C GLN A 521 9.41 -0.14 -11.50
N LYS A 522 8.28 -0.78 -11.76
CA LYS A 522 7.06 -0.52 -10.99
C LYS A 522 6.07 -1.61 -11.18
N ASP A 523 5.12 -1.71 -10.24
CA ASP A 523 3.97 -2.56 -10.41
C ASP A 523 2.80 -1.64 -10.65
N ALA A 524 2.54 -1.37 -11.92
CA ALA A 524 1.61 -0.29 -12.34
C ALA A 524 0.78 -0.76 -13.53
N TRP A 525 0.77 -2.08 -13.79
CA TRP A 525 0.39 -2.61 -15.11
C TRP A 525 -0.90 -3.40 -15.07
N VAL A 526 -1.28 -3.93 -16.23
CA VAL A 526 -2.47 -4.78 -16.33
C VAL A 526 -2.03 -6.23 -16.13
N GLY A 527 -2.53 -6.86 -15.06
CA GLY A 527 -2.25 -8.27 -14.75
C GLY A 527 -3.32 -9.19 -15.31
N ASP A 528 -3.15 -10.50 -15.12
CA ASP A 528 -4.09 -11.45 -15.68
C ASP A 528 -5.40 -11.53 -14.90
N TYR A 529 -6.48 -11.10 -15.54
CA TYR A 529 -7.78 -11.18 -14.93
C TYR A 529 -8.78 -11.29 -16.08
N ARG A 530 -9.00 -12.54 -16.45
CA ARG A 530 -9.70 -12.88 -17.69
C ARG A 530 -11.02 -12.14 -17.87
N SER A 531 -11.79 -11.99 -16.79
CA SER A 531 -13.12 -11.39 -16.91
C SER A 531 -13.13 -9.90 -17.25
N TYR A 532 -11.95 -9.26 -17.24
CA TYR A 532 -11.86 -7.86 -17.71
C TYR A 532 -11.57 -7.75 -19.19
N GLY A 533 -11.20 -8.86 -19.82
CA GLY A 533 -10.93 -8.85 -21.25
C GLY A 533 -9.75 -7.95 -21.63
N GLY A 534 -9.70 -7.59 -22.92
CA GLY A 534 -8.62 -6.79 -23.50
C GLY A 534 -7.22 -7.18 -23.02
N ALA A 535 -6.48 -6.18 -22.51
CA ALA A 535 -5.12 -6.36 -22.09
C ALA A 535 -4.98 -7.31 -20.90
N ALA A 536 -6.06 -7.50 -20.14
CA ALA A 536 -6.06 -8.34 -18.93
C ALA A 536 -6.31 -9.83 -19.26
N ASN A 537 -6.61 -10.14 -20.51
CA ASN A 537 -6.75 -11.54 -20.89
C ASN A 537 -5.38 -12.16 -21.20
N TYR A 538 -4.67 -12.51 -20.12
CA TYR A 538 -3.37 -13.14 -20.18
C TYR A 538 -2.27 -12.24 -20.81
N PRO A 539 -1.93 -11.14 -20.14
CA PRO A 539 -0.77 -10.34 -20.56
C PRO A 539 0.49 -11.22 -20.55
N LEU A 540 1.29 -11.14 -21.62
CA LEU A 540 2.49 -11.96 -21.70
C LEU A 540 3.52 -11.66 -20.59
N LEU A 541 3.58 -10.40 -20.14
CA LEU A 541 4.52 -10.04 -19.06
C LEU A 541 3.95 -10.33 -17.66
N GLY A 542 2.76 -10.95 -17.61
CA GLY A 542 2.08 -11.19 -16.33
C GLY A 542 1.64 -9.82 -15.79
N GLY A 543 1.90 -9.60 -14.51
CA GLY A 543 1.45 -8.36 -13.86
C GLY A 543 1.13 -8.71 -12.42
N TYR A 544 1.61 -7.88 -11.50
CA TYR A 544 1.51 -8.19 -10.08
C TYR A 544 0.07 -8.49 -9.67
N SER A 545 -0.10 -9.59 -8.94
CA SER A 545 -1.40 -9.95 -8.38
C SER A 545 -1.23 -10.07 -6.86
N MET A 546 -1.86 -9.13 -6.15
CA MET A 546 -1.70 -9.04 -4.71
C MET A 546 -2.88 -9.69 -3.95
N LYS A 547 -2.54 -10.59 -3.04
CA LYS A 547 -3.48 -11.11 -2.06
C LYS A 547 -2.90 -10.85 -0.66
N ASP A 548 -3.64 -11.24 0.38
CA ASP A 548 -3.25 -10.92 1.75
C ASP A 548 -3.71 -12.04 2.68
N PHE A 549 -3.07 -12.15 3.85
CA PHE A 549 -3.59 -13.07 4.87
C PHE A 549 -3.58 -12.46 6.27
N GLU A 550 -3.19 -11.18 6.38
CA GLU A 550 -3.11 -10.55 7.72
C GLU A 550 -4.15 -9.46 7.93
N GLY A 551 -5.36 -9.72 7.45
CA GLY A 551 -6.53 -9.01 8.00
C GLY A 551 -7.16 -7.92 7.14
N TRP A 552 -6.44 -7.47 6.10
CA TRP A 552 -6.97 -6.45 5.18
C TRP A 552 -8.23 -7.00 4.50
N GLN A 553 -9.34 -6.26 4.60
CA GLN A 553 -10.62 -6.69 4.06
C GLN A 553 -10.97 -8.12 4.49
N GLY A 554 -10.60 -8.44 5.73
CA GLY A 554 -10.90 -9.74 6.32
C GLY A 554 -10.15 -10.89 5.67
N ARG A 555 -9.05 -10.61 4.95
CA ARG A 555 -8.32 -11.67 4.26
C ARG A 555 -7.42 -12.45 5.22
N SER A 556 -7.55 -13.78 5.19
CA SER A 556 -6.85 -14.67 6.12
C SER A 556 -6.28 -15.89 5.44
N ASP A 557 -6.50 -16.03 4.13
CA ASP A 557 -6.15 -17.27 3.43
C ASP A 557 -4.64 -17.36 3.10
N TYR A 558 -3.87 -17.93 4.03
CA TYR A 558 -2.41 -18.07 3.90
C TYR A 558 -2.05 -18.96 2.70
N ASN A 559 -2.70 -20.11 2.60
CA ASN A 559 -2.35 -21.06 1.53
C ASN A 559 -2.64 -20.48 0.16
N GLY A 560 -3.80 -19.85 0.01
CA GLY A 560 -4.15 -19.19 -1.26
C GLY A 560 -3.21 -18.03 -1.57
N TYR A 561 -2.70 -17.39 -0.52
CA TYR A 561 -1.73 -16.30 -0.70
C TYR A 561 -0.45 -16.84 -1.37
N VAL A 562 0.07 -17.93 -0.80
CA VAL A 562 1.26 -18.55 -1.34
C VAL A 562 1.07 -19.12 -2.75
N THR A 563 -0.04 -19.83 -3.00
CA THR A 563 -0.30 -20.37 -4.33
CA THR A 563 -0.25 -20.37 -4.34
C THR A 563 -0.35 -19.24 -5.39
N ASN A 564 -1.01 -18.15 -5.04
CA ASN A 564 -1.08 -16.99 -5.93
C ASN A 564 0.30 -16.36 -6.21
N LEU A 565 1.17 -16.25 -5.20
CA LEU A 565 2.57 -15.82 -5.45
C LEU A 565 3.18 -16.61 -6.60
N PHE A 566 3.07 -17.92 -6.52
CA PHE A 566 3.67 -18.77 -7.53
C PHE A 566 2.91 -18.79 -8.85
N ALA A 567 1.58 -18.62 -8.81
CA ALA A 567 0.78 -18.69 -10.05
C ALA A 567 0.96 -17.44 -10.91
N HIS A 568 1.21 -16.29 -10.28
CA HIS A 568 1.31 -14.99 -11.01
C HIS A 568 2.62 -14.25 -10.81
N ASP A 569 3.10 -14.21 -9.56
CA ASP A 569 4.08 -13.21 -9.19
C ASP A 569 5.53 -13.61 -9.42
N VAL A 570 5.85 -14.87 -9.21
CA VAL A 570 7.22 -15.32 -9.52
C VAL A 570 7.66 -14.98 -10.96
N MET A 571 6.85 -15.33 -11.95
CA MET A 571 7.25 -15.07 -13.34
C MET A 571 7.14 -13.56 -13.66
N THR A 572 6.13 -12.88 -13.10
CA THR A 572 6.06 -11.41 -13.23
C THR A 572 7.39 -10.77 -12.80
N LYS A 573 7.85 -11.16 -11.61
CA LYS A 573 9.08 -10.62 -11.07
C LYS A 573 10.30 -11.09 -11.85
N TYR A 574 10.25 -12.34 -12.33
CA TYR A 574 11.37 -12.85 -13.15
C TYR A 574 11.60 -11.87 -14.31
N PHE A 575 10.54 -11.57 -15.04
CA PHE A 575 10.68 -10.64 -16.17
C PHE A 575 11.19 -9.26 -15.79
N GLN A 576 10.88 -8.81 -14.58
CA GLN A 576 11.37 -7.50 -14.13
C GLN A 576 12.89 -7.44 -13.88
N HIS A 577 13.56 -8.61 -13.92
CA HIS A 577 15.02 -8.67 -13.84
C HIS A 577 15.67 -8.43 -15.20
N PHE A 578 14.84 -8.14 -16.21
CA PHE A 578 15.33 -7.82 -17.56
C PHE A 578 14.61 -6.57 -18.04
N THR A 579 15.13 -5.97 -19.10
CA THR A 579 14.42 -4.87 -19.76
C THR A 579 13.85 -5.31 -21.10
N VAL A 580 12.66 -4.81 -21.42
CA VAL A 580 12.00 -5.15 -22.67
C VAL A 580 12.84 -4.64 -23.85
N SER A 581 13.06 -5.49 -24.85
CA SER A 581 13.85 -5.09 -26.03
C SER A 581 13.03 -5.12 -27.34
N LYS A 582 12.00 -5.96 -27.38
CA LYS A 582 11.16 -6.09 -28.58
C LYS A 582 9.74 -6.47 -28.19
N TRP A 583 8.77 -5.96 -28.95
CA TRP A 583 7.36 -6.14 -28.66
C TRP A 583 6.65 -6.31 -29.99
N GLU A 584 6.00 -7.47 -30.19
CA GLU A 584 5.34 -7.75 -31.46
C GLU A 584 3.87 -8.01 -31.19
N ASN A 585 3.01 -7.20 -31.81
CA ASN A 585 1.58 -7.45 -31.76
C ASN A 585 1.09 -8.46 -32.81
N GLY A 586 -0.06 -9.06 -32.56
CA GLY A 586 -0.68 -10.01 -33.48
C GLY A 586 -1.83 -9.36 -34.22
N THR A 587 -2.72 -10.16 -34.75
CA THR A 587 -3.88 -9.62 -35.46
C THR A 587 -5.00 -9.30 -34.47
N PRO A 588 -5.85 -8.30 -34.79
CA PRO A 588 -6.94 -7.95 -33.88
C PRO A 588 -7.88 -9.13 -33.63
N VAL A 589 -8.40 -9.22 -32.41
CA VAL A 589 -9.37 -10.27 -32.05
C VAL A 589 -10.63 -9.58 -31.60
N THR A 590 -11.73 -10.33 -31.56
CA THR A 590 -12.99 -9.80 -31.08
C THR A 590 -13.30 -10.45 -29.73
N MET A 591 -13.60 -9.61 -28.75
CA MET A 591 -13.95 -10.09 -27.41
CA MET A 591 -13.92 -10.05 -27.40
C MET A 591 -15.29 -9.52 -26.99
N THR A 592 -15.99 -10.24 -26.12
CA THR A 592 -17.25 -9.76 -25.56
C THR A 592 -17.21 -9.96 -24.04
N ASP A 593 -17.28 -8.85 -23.30
CA ASP A 593 -17.35 -8.91 -21.84
C ASP A 593 -17.71 -7.53 -21.36
N ASN A 594 -18.23 -7.44 -20.13
CA ASN A 594 -18.57 -6.16 -19.48
C ASN A 594 -19.56 -5.32 -20.29
N GLY A 595 -20.44 -6.01 -21.02
CA GLY A 595 -21.48 -5.34 -21.78
C GLY A 595 -21.08 -4.77 -23.13
N SER A 596 -19.91 -5.14 -23.67
CA SER A 596 -19.61 -4.70 -25.03
CA SER A 596 -19.50 -4.65 -24.99
C SER A 596 -18.86 -5.74 -25.81
N THR A 597 -18.97 -5.62 -27.13
CA THR A 597 -18.20 -6.45 -28.04
C THR A 597 -17.24 -5.49 -28.72
N TYR A 598 -15.95 -5.81 -28.72
CA TYR A 598 -14.95 -4.82 -29.10
C TYR A 598 -13.75 -5.50 -29.72
N LYS A 599 -12.93 -4.72 -30.43
CA LYS A 599 -11.70 -5.25 -31.01
C LYS A 599 -10.53 -4.99 -30.08
N TRP A 600 -9.61 -5.95 -30.00
CA TRP A 600 -8.40 -5.82 -29.19
C TRP A 600 -7.21 -6.40 -29.94
N THR A 601 -6.09 -5.67 -29.96
CA THR A 601 -4.89 -6.17 -30.64
C THR A 601 -3.90 -6.64 -29.59
N PRO A 602 -3.65 -7.97 -29.52
CA PRO A 602 -2.83 -8.49 -28.43
C PRO A 602 -1.38 -8.55 -28.75
N GLU A 603 -0.54 -8.40 -27.72
CA GLU A 603 0.86 -8.72 -27.88
C GLU A 603 1.03 -10.25 -28.06
N MET A 604 1.86 -10.62 -29.02
CA MET A 604 2.08 -12.04 -29.33
C MET A 604 3.49 -12.50 -28.97
N ARG A 605 4.45 -11.58 -28.96
CA ARG A 605 5.82 -11.94 -28.58
CA ARG A 605 5.81 -11.93 -28.56
C ARG A 605 6.51 -10.73 -27.95
N VAL A 606 7.10 -10.94 -26.79
CA VAL A 606 7.88 -9.92 -26.11
C VAL A 606 9.27 -10.47 -25.83
N GLU A 607 10.30 -9.71 -26.18
CA GLU A 607 11.70 -10.09 -25.88
C GLU A 607 12.29 -9.16 -24.84
N LEU A 608 13.14 -9.70 -23.96
CA LEU A 608 13.79 -8.94 -22.89
C LEU A 608 15.23 -9.35 -22.85
N VAL A 609 16.08 -8.47 -22.29
CA VAL A 609 17.52 -8.72 -22.20
C VAL A 609 18.04 -8.16 -20.88
N ASP A 610 19.24 -8.58 -20.49
CA ASP A 610 19.88 -7.99 -19.32
C ASP A 610 21.31 -7.56 -19.68
N ALA A 611 22.03 -7.01 -18.71
CA ALA A 611 23.37 -6.48 -18.95
C ALA A 611 24.40 -7.59 -19.27
N ASP A 612 24.04 -8.84 -18.99
CA ASP A 612 24.91 -9.99 -19.30
C ASP A 612 24.56 -10.60 -20.66
N ASN A 613 23.72 -9.92 -21.41
CA ASN A 613 23.22 -10.37 -22.71
CA ASN A 613 23.26 -10.38 -22.72
C ASN A 613 22.41 -11.67 -22.65
N ASN A 614 21.81 -11.97 -21.50
CA ASN A 614 20.81 -13.03 -21.48
C ASN A 614 19.61 -12.56 -22.30
N LYS A 615 18.97 -13.50 -22.98
CA LYS A 615 17.82 -13.17 -23.79
C LYS A 615 16.58 -13.98 -23.42
N VAL A 616 15.49 -13.28 -23.08
CA VAL A 616 14.25 -13.94 -22.72
C VAL A 616 13.24 -13.67 -23.83
N VAL A 617 12.57 -14.72 -24.30
CA VAL A 617 11.55 -14.58 -25.32
C VAL A 617 10.25 -15.16 -24.80
N VAL A 618 9.22 -14.33 -24.77
CA VAL A 618 7.91 -14.78 -24.29
C VAL A 618 6.94 -14.77 -25.46
N THR A 619 6.31 -15.91 -25.76
CA THR A 619 5.46 -15.99 -26.97
C THR A 619 4.09 -16.50 -26.58
N ARG A 620 3.04 -15.82 -27.00
CA ARG A 620 1.68 -16.31 -26.80
C ARG A 620 1.50 -17.53 -27.71
N LYS A 621 0.82 -18.57 -27.20
CA LYS A 621 0.80 -19.81 -27.96
C LYS A 621 -0.17 -19.78 -29.14
N SER A 622 -1.18 -18.92 -29.10
CA SER A 622 -2.06 -18.71 -30.24
C SER A 622 -2.69 -17.31 -30.20
N ASN A 623 -2.93 -16.75 -31.37
CA ASN A 623 -3.60 -15.45 -31.55
C ASN A 623 -5.12 -15.65 -31.54
N ASP A 624 -5.57 -16.92 -31.57
CA ASP A 624 -7.00 -17.22 -31.58
C ASP A 624 -7.58 -17.06 -30.20
N VAL A 625 -8.41 -16.02 -30.02
CA VAL A 625 -8.85 -15.64 -28.67
C VAL A 625 -9.80 -16.68 -28.08
N ASN A 626 -10.36 -17.54 -28.93
CA ASN A 626 -11.27 -18.56 -28.44
C ASN A 626 -10.60 -19.92 -28.23
N SER A 627 -9.29 -19.96 -28.39
CA SER A 627 -8.49 -21.15 -28.13
C SER A 627 -7.89 -21.09 -26.72
N PRO A 628 -7.77 -22.26 -26.05
CA PRO A 628 -7.05 -22.28 -24.75
C PRO A 628 -5.63 -21.75 -24.88
N GLN A 629 -5.03 -21.87 -26.07
CA GLN A 629 -3.63 -21.46 -26.24
C GLN A 629 -3.44 -19.94 -26.24
N TYR A 630 -4.53 -19.17 -26.33
CA TYR A 630 -4.46 -17.70 -26.22
C TYR A 630 -4.00 -17.32 -24.81
N ARG A 631 -4.38 -18.14 -23.83
CA ARG A 631 -4.03 -17.89 -22.43
C ARG A 631 -2.85 -18.76 -21.98
N GLU A 632 -1.95 -19.09 -22.92
CA GLU A 632 -0.72 -19.80 -22.61
C GLU A 632 0.47 -19.12 -23.27
N ARG A 633 1.64 -19.24 -22.68
CA ARG A 633 2.87 -18.72 -23.29
C ARG A 633 3.99 -19.73 -23.21
N THR A 634 4.98 -19.59 -24.07
CA THR A 634 6.25 -20.25 -23.83
C THR A 634 7.19 -19.15 -23.39
N VAL A 635 8.13 -19.51 -22.53
CA VAL A 635 9.22 -18.62 -22.18
C VAL A 635 10.51 -19.35 -22.40
N THR A 636 11.42 -18.74 -23.15
CA THR A 636 12.76 -19.30 -23.28
C THR A 636 13.79 -18.36 -22.70
N LEU A 637 14.86 -18.94 -22.18
CA LEU A 637 16.01 -18.21 -21.68
C LEU A 637 17.20 -18.68 -22.49
N ASN A 638 17.74 -17.79 -23.30
CA ASN A 638 18.80 -18.14 -24.26
C ASN A 638 18.44 -19.41 -25.05
N GLY A 639 17.18 -19.49 -25.46
CA GLY A 639 16.72 -20.59 -26.29
C GLY A 639 16.18 -21.80 -25.55
N ARG A 640 16.40 -21.88 -24.23
CA ARG A 640 15.98 -23.02 -23.42
C ARG A 640 14.61 -22.77 -22.80
N VAL A 641 13.70 -23.74 -22.95
CA VAL A 641 12.30 -23.55 -22.50
C VAL A 641 12.22 -23.60 -20.95
N ILE A 642 11.73 -22.52 -20.33
CA ILE A 642 11.56 -22.44 -18.87
C ILE A 642 10.08 -22.34 -18.46
N GLN A 643 9.20 -22.02 -19.42
CA GLN A 643 7.77 -22.11 -19.19
C GLN A 643 7.09 -22.57 -20.44
N ASP A 644 6.08 -23.41 -20.27
CA ASP A 644 5.22 -23.78 -21.38
C ASP A 644 3.84 -24.04 -20.81
N GLY A 645 2.92 -23.11 -21.02
CA GLY A 645 1.54 -23.28 -20.60
C GLY A 645 1.42 -23.25 -19.08
N SER A 646 0.81 -24.28 -18.50
CA SER A 646 0.49 -24.31 -17.06
C SER A 646 1.68 -24.49 -16.13
N ALA A 647 2.85 -24.85 -16.68
CA ALA A 647 4.04 -25.14 -15.87
C ALA A 647 5.28 -24.31 -16.22
N TYR A 648 6.08 -24.04 -15.20
CA TYR A 648 7.38 -23.48 -15.40
C TYR A 648 8.42 -24.14 -14.55
N LEU A 649 9.65 -24.16 -15.05
CA LEU A 649 10.81 -24.51 -14.26
C LEU A 649 11.79 -23.36 -14.48
N THR A 650 11.81 -22.41 -13.53
CA THR A 650 12.49 -21.13 -13.75
C THR A 650 13.69 -20.96 -12.87
N PRO A 651 14.82 -20.55 -13.45
CA PRO A 651 15.99 -20.32 -12.60
C PRO A 651 15.75 -19.07 -11.75
N TRP A 652 16.40 -19.00 -10.60
CA TRP A 652 16.31 -17.84 -9.75
C TRP A 652 17.68 -17.67 -9.16
N ASN A 653 18.35 -16.60 -9.56
CA ASN A 653 19.74 -16.41 -9.21
C ASN A 653 19.99 -15.21 -8.31
N TRP A 654 18.97 -14.84 -7.55
CA TRP A 654 19.03 -13.63 -6.74
C TRP A 654 18.57 -13.96 -5.33
N ASP A 655 19.22 -13.39 -4.32
CA ASP A 655 18.75 -13.66 -2.96
C ASP A 655 17.52 -12.78 -2.66
N ALA A 656 17.02 -12.83 -1.43
CA ALA A 656 15.76 -12.14 -1.13
C ALA A 656 15.88 -10.63 -1.31
N ASN A 657 17.11 -10.11 -1.21
CA ASN A 657 17.36 -8.67 -1.42
C ASN A 657 17.81 -8.34 -2.85
N GLY A 658 17.76 -9.34 -3.74
CA GLY A 658 18.17 -9.15 -5.12
C GLY A 658 19.64 -9.33 -5.46
N LYS A 659 20.48 -9.64 -4.48
CA LYS A 659 21.92 -9.82 -4.75
C LYS A 659 22.16 -11.15 -5.46
N LYS A 660 23.17 -11.17 -6.33
CA LYS A 660 23.51 -12.36 -7.07
C LYS A 660 23.86 -13.49 -6.11
N LEU A 661 23.29 -14.67 -6.34
CA LEU A 661 23.57 -15.80 -5.47
C LEU A 661 24.91 -16.43 -5.81
N SER A 662 25.57 -17.02 -4.80
CA SER A 662 26.75 -17.86 -5.05
C SER A 662 26.32 -19.06 -5.89
N THR A 663 27.27 -19.65 -6.60
CA THR A 663 26.97 -20.80 -7.48
C THR A 663 26.20 -21.91 -6.75
N ASP A 664 26.62 -22.25 -5.53
CA ASP A 664 26.02 -23.37 -4.81
C ASP A 664 24.63 -23.04 -4.24
N LYS A 665 24.22 -21.77 -4.32
CA LYS A 665 22.88 -21.35 -3.92
C LYS A 665 21.92 -21.08 -5.10
N GLU A 666 22.44 -21.14 -6.34
CA GLU A 666 21.57 -21.02 -7.53
C GLU A 666 20.55 -22.15 -7.52
N LYS A 667 19.32 -21.84 -7.94
CA LYS A 667 18.21 -22.77 -7.79
C LYS A 667 17.24 -22.64 -8.96
N MET A 668 16.23 -23.50 -8.98
CA MET A 668 15.16 -23.37 -9.92
C MET A 668 13.87 -23.63 -9.17
N TYR A 669 12.83 -22.88 -9.54
CA TYR A 669 11.49 -23.12 -8.98
C TYR A 669 10.64 -23.86 -9.99
N TYR A 670 9.92 -24.85 -9.50
CA TYR A 670 8.91 -25.52 -10.30
C TYR A 670 7.51 -25.28 -9.75
N PHE A 671 6.58 -25.01 -10.65
CA PHE A 671 5.18 -24.82 -10.29
C PHE A 671 4.32 -25.15 -11.51
N ASN A 672 3.26 -25.91 -11.27
CA ASN A 672 2.35 -26.35 -12.33
C ASN A 672 0.93 -26.23 -11.84
N THR A 673 0.10 -25.46 -12.56
CA THR A 673 -1.29 -25.28 -12.09
C THR A 673 -2.17 -26.50 -12.41
N GLN A 674 -1.60 -27.46 -13.11
CA GLN A 674 -2.30 -28.68 -13.54
C GLN A 674 -1.53 -29.92 -13.07
N ALA A 675 -2.22 -31.06 -13.00
CA ALA A 675 -1.54 -32.33 -12.81
C ALA A 675 -0.86 -32.71 -14.11
N GLY A 676 0.18 -33.54 -14.04
CA GLY A 676 0.77 -34.14 -15.25
C GLY A 676 2.27 -34.01 -15.26
N ALA A 677 2.95 -34.96 -15.91
CA ALA A 677 4.39 -34.93 -16.03
C ALA A 677 4.87 -33.85 -17.02
N THR A 678 5.96 -33.20 -16.69
CA THR A 678 6.59 -32.23 -17.57
C THR A 678 8.08 -32.57 -17.68
N THR A 679 8.66 -32.33 -18.86
CA THR A 679 10.07 -32.62 -19.08
C THR A 679 10.80 -31.35 -19.48
N TRP A 680 11.99 -31.16 -18.94
CA TRP A 680 12.75 -29.92 -19.07
C TRP A 680 14.19 -30.23 -19.43
N THR A 681 14.75 -29.41 -20.32
CA THR A 681 16.17 -29.48 -20.61
C THR A 681 16.94 -28.63 -19.65
N LEU A 682 17.93 -29.21 -18.99
CA LEU A 682 18.76 -28.45 -18.05
C LEU A 682 19.78 -27.61 -18.80
N PRO A 683 20.17 -26.45 -18.23
CA PRO A 683 21.28 -25.67 -18.79
C PRO A 683 22.59 -26.42 -18.63
N SER A 684 23.59 -26.06 -19.42
CA SER A 684 24.83 -26.82 -19.46
C SER A 684 25.48 -26.94 -18.08
N ASP A 685 25.30 -25.92 -17.22
CA ASP A 685 25.92 -25.98 -15.89
C ASP A 685 25.12 -26.77 -14.84
N TRP A 686 24.03 -27.38 -15.28
CA TRP A 686 23.27 -28.32 -14.45
C TRP A 686 23.26 -29.73 -15.05
N ALA A 687 23.42 -29.82 -16.36
CA ALA A 687 23.21 -31.06 -17.11
C ALA A 687 24.01 -32.26 -16.56
N LYS A 688 25.20 -32.00 -16.01
CA LYS A 688 26.09 -33.06 -15.52
C LYS A 688 26.22 -33.08 -14.00
N SER A 689 25.33 -32.35 -13.34
CA SER A 689 25.30 -32.27 -11.90
C SER A 689 24.27 -33.23 -11.31
N LYS A 690 24.42 -33.57 -10.04
CA LYS A 690 23.33 -34.19 -9.30
C LYS A 690 22.26 -33.13 -9.08
N VAL A 691 21.00 -33.53 -8.99
CA VAL A 691 19.90 -32.59 -8.81
C VAL A 691 18.97 -33.06 -7.69
N TYR A 692 18.63 -32.15 -6.79
CA TYR A 692 17.76 -32.47 -5.66
C TYR A 692 16.52 -31.62 -5.67
N LEU A 693 15.38 -32.28 -5.46
CA LEU A 693 14.07 -31.64 -5.43
C LEU A 693 13.55 -31.49 -3.99
N TYR A 694 12.93 -30.35 -3.68
CA TYR A 694 12.28 -30.13 -2.37
C TYR A 694 10.86 -29.56 -2.54
N LYS A 695 9.90 -30.09 -1.77
CA LYS A 695 8.57 -29.54 -1.69
C LYS A 695 8.60 -28.38 -0.69
N LEU A 696 8.12 -27.20 -1.11
CA LEU A 696 8.18 -26.03 -0.24
C LEU A 696 6.90 -25.93 0.57
N THR A 697 7.03 -25.87 1.89
CA THR A 697 5.86 -25.68 2.77
C THR A 697 6.18 -24.54 3.76
N ASP A 698 5.25 -24.29 4.69
CA ASP A 698 5.50 -23.30 5.73
C ASP A 698 6.64 -23.76 6.66
N GLN A 699 7.06 -25.02 6.51
CA GLN A 699 8.25 -25.52 7.22
C GLN A 699 9.54 -25.43 6.39
N GLY A 700 9.46 -24.86 5.19
CA GLY A 700 10.65 -24.70 4.33
C GLY A 700 10.77 -25.86 3.34
N LYS A 701 12.01 -26.28 3.08
CA LYS A 701 12.30 -27.34 2.13
C LYS A 701 12.06 -28.70 2.79
N THR A 702 11.19 -29.49 2.17
CA THR A 702 10.80 -30.80 2.71
C THR A 702 10.87 -31.89 1.62
N GLU A 703 10.78 -33.15 2.05
CA GLU A 703 10.67 -34.29 1.13
C GLU A 703 11.77 -34.34 0.08
N GLU A 704 13.00 -34.17 0.54
CA GLU A 704 14.19 -34.19 -0.31
C GLU A 704 14.16 -35.42 -1.22
N GLN A 705 14.39 -35.21 -2.51
CA GLN A 705 14.45 -36.32 -3.45
C GLN A 705 15.50 -36.04 -4.51
N GLU A 706 16.46 -36.95 -4.71
CA GLU A 706 17.43 -36.80 -5.78
C GLU A 706 16.77 -37.19 -7.10
N LEU A 707 16.96 -36.36 -8.13
CA LEU A 707 16.33 -36.64 -9.41
C LEU A 707 17.27 -37.42 -10.35
N THR A 708 16.67 -38.17 -11.25
CA THR A 708 17.42 -38.84 -12.31
C THR A 708 17.53 -37.95 -13.53
N VAL A 709 18.75 -37.61 -13.91
CA VAL A 709 18.97 -36.82 -15.12
C VAL A 709 19.24 -37.79 -16.26
N LYS A 710 18.43 -37.68 -17.33
CA LYS A 710 18.65 -38.52 -18.52
C LYS A 710 18.79 -37.64 -19.76
N ASP A 711 19.94 -37.76 -20.43
CA ASP A 711 20.21 -36.98 -21.66
C ASP A 711 20.07 -35.48 -21.41
N GLY A 712 20.57 -35.04 -20.26
CA GLY A 712 20.54 -33.63 -19.87
C GLY A 712 19.14 -33.11 -19.53
N LYS A 713 18.17 -34.01 -19.42
CA LYS A 713 16.78 -33.66 -19.07
C LYS A 713 16.32 -34.25 -17.73
N ILE A 714 15.30 -33.62 -17.14
CA ILE A 714 14.58 -34.17 -15.99
C ILE A 714 13.10 -34.15 -16.28
N THR A 715 12.38 -35.06 -15.65
CA THR A 715 10.95 -35.12 -15.78
C THR A 715 10.32 -35.00 -14.39
N LEU A 716 9.33 -34.12 -14.28
CA LEU A 716 8.69 -33.83 -13.00
C LEU A 716 7.21 -34.12 -13.07
N ASP A 717 6.74 -34.93 -12.13
CA ASP A 717 5.34 -35.32 -12.09
C ASP A 717 4.86 -35.16 -10.65
N LEU A 718 4.41 -33.96 -10.35
CA LEU A 718 4.27 -33.53 -8.96
C LEU A 718 2.89 -32.95 -8.70
N LEU A 719 2.63 -32.50 -7.47
CA LEU A 719 1.31 -31.98 -7.14
C LEU A 719 1.04 -30.65 -7.85
N ALA A 720 -0.19 -30.45 -8.31
CA ALA A 720 -0.63 -29.19 -8.94
C ALA A 720 -0.69 -28.10 -7.87
N ASN A 721 -0.43 -26.85 -8.27
CA ASN A 721 -0.53 -25.71 -7.33
C ASN A 721 0.31 -25.84 -6.08
N GLN A 722 1.48 -26.45 -6.25
CA GLN A 722 2.40 -26.69 -5.14
C GLN A 722 3.80 -26.25 -5.53
N PRO A 723 4.41 -25.29 -4.80
CA PRO A 723 5.77 -24.88 -5.16
C PRO A 723 6.83 -25.92 -4.79
N TYR A 724 7.82 -26.08 -5.66
CA TYR A 724 9.00 -26.89 -5.40
C TYR A 724 10.22 -26.09 -5.77
N VAL A 725 11.35 -26.46 -5.19
CA VAL A 725 12.62 -25.83 -5.51
C VAL A 725 13.69 -26.92 -5.75
N LEU A 726 14.58 -26.63 -6.69
CA LEU A 726 15.67 -27.54 -7.08
C LEU A 726 17.00 -26.90 -6.87
N TYR A 727 17.95 -27.71 -6.40
CA TYR A 727 19.33 -27.29 -6.23
C TYR A 727 20.25 -28.43 -6.74
N ARG A 728 21.51 -28.10 -6.98
CA ARG A 728 22.54 -29.08 -7.38
C ARG A 728 23.25 -29.75 -6.20
N SER A 729 22.93 -29.33 -4.97
CA SER A 729 23.51 -29.95 -3.76
C SER A 729 22.46 -29.95 -2.67
N LYS A 730 22.63 -30.85 -1.69
CA LYS A 730 21.69 -30.99 -0.59
C LYS A 730 21.58 -29.70 0.21
N GLN A 731 20.35 -29.32 0.57
CA GLN A 731 20.10 -28.07 1.32
C GLN A 731 19.38 -28.37 2.64
N THR A 732 19.52 -27.47 3.61
CA THR A 732 18.80 -27.57 4.88
C THR A 732 18.01 -26.28 5.18
N ASN A 733 17.17 -26.31 6.21
CA ASN A 733 16.41 -25.11 6.62
C ASN A 733 17.06 -24.43 7.83
N PRO A 734 17.18 -23.08 7.81
CA PRO A 734 17.88 -22.45 8.92
C PRO A 734 17.02 -22.31 10.20
N GLU A 735 17.66 -22.02 11.33
CA GLU A 735 16.96 -21.67 12.56
C GLU A 735 16.31 -20.32 12.30
N MET A 736 15.03 -20.19 12.67
CA MET A 736 14.27 -18.93 12.39
C MET A 736 14.16 -17.95 13.56
N SER A 737 14.55 -18.37 14.76
CA SER A 737 14.46 -17.52 15.96
C SER A 737 13.03 -16.98 16.09
N TRP A 738 12.08 -17.88 16.02
CA TRP A 738 10.68 -17.50 16.05
C TRP A 738 10.34 -16.61 17.23
N SER A 739 9.68 -15.50 16.94
CA SER A 739 9.12 -14.57 17.93
C SER A 739 10.22 -13.80 18.66
N GLU A 740 11.39 -13.67 18.05
CA GLU A 740 12.46 -12.91 18.71
C GLU A 740 11.97 -11.53 19.12
N GLY A 741 12.37 -11.12 20.32
CA GLY A 741 11.96 -9.81 20.87
C GLY A 741 10.63 -9.87 21.62
N MET A 742 9.91 -10.99 21.50
CA MET A 742 8.58 -11.09 22.13
C MET A 742 8.62 -11.87 23.45
N HIS A 743 9.82 -12.15 23.93
CA HIS A 743 10.00 -12.77 25.28
C HIS A 743 9.62 -14.26 25.39
N ILE A 744 9.21 -14.86 24.26
CA ILE A 744 8.84 -16.28 24.28
C ILE A 744 9.23 -16.89 22.92
N TYR A 745 9.43 -18.19 22.85
CA TYR A 745 9.81 -18.78 21.56
C TYR A 745 8.57 -19.29 20.82
N ASP A 746 8.36 -18.81 19.59
CA ASP A 746 7.30 -19.31 18.70
C ASP A 746 5.87 -19.11 19.27
N GLN A 747 5.50 -17.85 19.45
CA GLN A 747 4.20 -17.47 20.01
C GLN A 747 2.99 -17.88 19.17
N GLY A 748 3.19 -18.14 17.88
CA GLY A 748 2.08 -18.42 16.96
C GLY A 748 2.06 -19.90 16.52
N PHE A 749 2.91 -20.73 17.13
CA PHE A 749 2.96 -22.20 16.84
C PHE A 749 3.31 -22.54 15.37
N ASN A 750 4.29 -21.79 14.85
CA ASN A 750 4.76 -21.90 13.46
C ASN A 750 5.97 -22.80 13.21
N SER A 751 6.59 -23.30 14.28
CA SER A 751 7.87 -24.01 14.14
C SER A 751 7.75 -25.52 13.98
N GLY A 752 6.53 -26.04 13.95
CA GLY A 752 6.32 -27.46 13.74
C GLY A 752 6.70 -28.35 14.92
N THR A 753 6.97 -27.77 16.09
CA THR A 753 7.37 -28.58 17.24
C THR A 753 6.89 -27.92 18.53
N LEU A 754 6.73 -28.72 19.59
CA LEU A 754 6.49 -28.17 20.92
C LEU A 754 7.68 -28.44 21.86
N LYS A 755 8.81 -28.85 21.28
CA LYS A 755 9.90 -29.35 22.12
C LYS A 755 10.52 -28.26 23.00
N HIS A 756 10.35 -27.00 22.63
CA HIS A 756 10.85 -25.89 23.45
C HIS A 756 9.94 -25.58 24.65
N TRP A 757 8.77 -26.21 24.75
CA TRP A 757 7.94 -26.08 25.94
C TRP A 757 8.26 -27.20 26.93
N THR A 758 8.23 -26.91 28.23
CA THR A 758 8.31 -27.99 29.23
C THR A 758 6.91 -28.44 29.52
N ILE A 759 6.62 -29.70 29.19
CA ILE A 759 5.24 -30.17 29.30
C ILE A 759 5.11 -31.01 30.57
N SER A 760 4.10 -30.69 31.39
CA SER A 760 3.78 -31.45 32.62
C SER A 760 2.48 -32.18 32.37
N GLY A 761 2.47 -33.48 32.65
CA GLY A 761 1.30 -34.28 32.36
C GLY A 761 1.53 -35.10 31.09
N ASP A 762 0.46 -35.60 30.52
CA ASP A 762 0.53 -36.50 29.38
C ASP A 762 0.71 -35.67 28.12
N ALA A 763 1.94 -35.65 27.61
CA ALA A 763 2.30 -34.84 26.44
C ALA A 763 1.52 -35.22 25.16
N SER A 764 0.94 -36.42 25.14
CA SER A 764 0.24 -36.89 23.93
C SER A 764 -1.09 -36.15 23.79
N LYS A 765 -1.49 -35.45 24.85
CA LYS A 765 -2.75 -34.72 24.85
C LYS A 765 -2.62 -33.28 24.32
N ALA A 766 -1.39 -32.87 24.00
CA ALA A 766 -1.13 -31.53 23.45
C ALA A 766 -0.53 -31.67 22.06
N GLU A 767 -1.14 -31.02 21.07
CA GLU A 767 -0.64 -31.12 19.70
C GLU A 767 -0.82 -29.78 19.01
N ILE A 768 0.02 -29.51 18.02
CA ILE A 768 -0.26 -28.38 17.09
C ILE A 768 -1.23 -28.85 16.00
N VAL A 769 -2.34 -28.15 15.85
CA VAL A 769 -3.32 -28.48 14.82
C VAL A 769 -3.61 -27.23 13.95
N LYS A 770 -4.14 -27.47 12.75
CA LYS A 770 -4.54 -26.37 11.87
C LYS A 770 -6.00 -25.96 12.01
N SER A 771 -6.24 -24.65 12.09
CA SER A 771 -7.62 -24.16 12.06
C SER A 771 -8.21 -24.40 10.66
N GLN A 772 -9.48 -24.04 10.47
CA GLN A 772 -10.10 -24.12 9.15
C GLN A 772 -9.43 -23.18 8.14
N GLY A 773 -8.70 -22.19 8.64
CA GLY A 773 -7.89 -21.29 7.79
C GLY A 773 -6.42 -21.69 7.70
N ALA A 774 -6.09 -22.89 8.15
CA ALA A 774 -4.72 -23.37 8.14
C ALA A 774 -3.79 -22.62 9.11
N ASN A 775 -4.37 -22.01 10.13
CA ASN A 775 -3.58 -21.30 11.12
C ASN A 775 -3.23 -22.31 12.23
N ASP A 776 -1.94 -22.50 12.49
CA ASP A 776 -1.51 -23.48 13.48
C ASP A 776 -1.80 -23.00 14.89
N MET A 777 -2.29 -23.90 15.75
CA MET A 777 -2.74 -23.55 17.09
C MET A 777 -2.35 -24.70 18.00
N LEU A 778 -2.21 -24.41 19.29
CA LEU A 778 -1.99 -25.45 20.29
C LEU A 778 -3.36 -26.02 20.68
N ARG A 779 -3.54 -27.35 20.58
CA ARG A 779 -4.79 -27.97 21.05
C ARG A 779 -4.50 -28.92 22.22
N ILE A 780 -5.30 -28.82 23.29
CA ILE A 780 -5.27 -29.81 24.39
C ILE A 780 -6.66 -30.40 24.48
N GLN A 781 -6.77 -31.73 24.41
CA GLN A 781 -8.08 -32.39 24.52
C GLN A 781 -7.90 -33.79 25.08
N GLY A 782 -8.99 -34.33 25.61
CA GLY A 782 -9.05 -35.77 25.94
C GLY A 782 -8.19 -36.17 27.12
N ASN A 783 -7.83 -35.19 27.96
CA ASN A 783 -6.94 -35.42 29.10
C ASN A 783 -7.72 -35.68 30.37
N LYS A 784 -7.31 -36.71 31.10
CA LYS A 784 -7.96 -37.05 32.38
C LYS A 784 -7.29 -36.43 33.57
N GLU A 785 -6.06 -35.92 33.38
CA GLU A 785 -5.36 -35.10 34.38
C GLU A 785 -4.88 -33.80 33.75
N LYS A 786 -4.52 -32.83 34.59
CA LYS A 786 -4.04 -31.54 34.10
C LYS A 786 -2.87 -31.73 33.13
N VAL A 787 -2.86 -30.91 32.08
CA VAL A 787 -1.73 -30.87 31.14
C VAL A 787 -1.27 -29.41 31.11
N SER A 788 0.02 -29.15 31.24
CA SER A 788 0.54 -27.77 31.27
C SER A 788 1.73 -27.67 30.34
N LEU A 789 1.93 -26.49 29.75
CA LEU A 789 3.10 -26.26 28.94
C LEU A 789 3.72 -24.97 29.43
N THR A 790 5.03 -25.00 29.67
CA THR A 790 5.72 -23.86 30.29
C THR A 790 6.96 -23.42 29.49
N GLN A 791 7.16 -22.12 29.36
CA GLN A 791 8.44 -21.57 28.87
C GLN A 791 8.86 -20.47 29.81
N LYS A 792 10.17 -20.20 29.88
CA LYS A 792 10.60 -18.93 30.47
C LYS A 792 10.22 -17.76 29.58
N LEU A 793 9.86 -16.65 30.20
CA LEU A 793 9.74 -15.38 29.50
C LEU A 793 11.10 -14.74 29.61
N THR A 794 11.71 -14.49 28.47
CA THR A 794 13.11 -14.08 28.39
C THR A 794 13.23 -12.61 28.00
N GLY A 795 14.36 -12.01 28.35
CA GLY A 795 14.67 -10.66 27.91
C GLY A 795 13.76 -9.61 28.52
N LEU A 796 13.17 -9.89 29.69
CA LEU A 796 12.33 -8.89 30.37
C LEU A 796 13.16 -7.85 31.12
N LYS A 797 12.57 -6.69 31.40
CA LYS A 797 13.23 -5.66 32.22
C LYS A 797 12.85 -5.88 33.67
N PRO A 798 13.81 -5.76 34.59
CA PRO A 798 13.50 -5.78 36.01
C PRO A 798 12.59 -4.63 36.42
N ASN A 799 11.81 -4.85 37.48
CA ASN A 799 10.98 -3.80 38.11
C ASN A 799 10.07 -3.12 37.11
N THR A 800 9.42 -3.92 36.28
CA THR A 800 8.62 -3.38 35.17
C THR A 800 7.23 -4.04 35.13
N LYS A 801 6.21 -3.21 34.86
CA LYS A 801 4.84 -3.67 34.76
C LYS A 801 4.53 -4.22 33.36
N TYR A 802 3.97 -5.42 33.30
CA TYR A 802 3.68 -6.12 32.05
C TYR A 802 2.25 -6.63 31.96
N ALA A 803 1.81 -6.85 30.71
CA ALA A 803 0.61 -7.62 30.40
C ALA A 803 1.07 -8.81 29.60
N VAL A 804 0.39 -9.95 29.74
CA VAL A 804 0.54 -11.02 28.79
C VAL A 804 -0.87 -11.53 28.44
N TYR A 805 -1.12 -11.82 27.17
CA TYR A 805 -2.32 -12.57 26.81
C TYR A 805 -1.99 -13.76 25.99
N VAL A 806 -2.91 -14.70 25.98
CA VAL A 806 -2.96 -15.75 24.97
C VAL A 806 -4.36 -15.72 24.33
N GLY A 807 -4.43 -15.91 23.01
CA GLY A 807 -5.74 -16.10 22.38
C GLY A 807 -6.22 -17.47 22.82
N VAL A 808 -7.46 -17.55 23.29
CA VAL A 808 -8.01 -18.85 23.70
C VAL A 808 -9.44 -19.02 23.19
N ASP A 809 -9.69 -20.22 22.67
CA ASP A 809 -11.01 -20.67 22.25
C ASP A 809 -11.23 -22.03 22.97
N ASN A 810 -12.05 -22.02 24.02
CA ASN A 810 -12.24 -23.20 24.85
C ASN A 810 -13.61 -23.85 24.58
N ARG A 811 -13.59 -25.04 23.97
CA ARG A 811 -14.81 -25.81 23.69
C ARG A 811 -15.17 -26.77 24.84
N SER A 812 -14.29 -26.86 25.84
CA SER A 812 -14.51 -27.65 27.05
C SER A 812 -15.02 -26.78 28.22
N ASN A 813 -15.76 -27.40 29.13
CA ASN A 813 -16.09 -26.78 30.43
C ASN A 813 -14.90 -26.74 31.36
N ALA A 814 -13.85 -27.51 31.05
CA ALA A 814 -12.65 -27.56 31.88
C ALA A 814 -11.92 -26.21 31.94
N LYS A 815 -11.27 -25.92 33.08
CA LYS A 815 -10.51 -24.69 33.25
CA LYS A 815 -10.50 -24.67 33.24
C LYS A 815 -9.29 -24.68 32.33
N ALA A 816 -9.16 -23.64 31.50
CA ALA A 816 -7.98 -23.45 30.65
C ALA A 816 -7.37 -22.14 31.15
N SER A 817 -6.06 -22.16 31.45
CA SER A 817 -5.46 -21.09 32.24
C SER A 817 -4.19 -20.54 31.62
N ILE A 818 -3.90 -19.30 31.96
CA ILE A 818 -2.58 -18.70 31.70
C ILE A 818 -2.05 -18.25 33.06
N THR A 819 -0.83 -18.68 33.36
CA THR A 819 -0.24 -18.41 34.67
C THR A 819 1.17 -17.87 34.50
N VAL A 820 1.49 -16.77 35.21
CA VAL A 820 2.83 -16.20 35.19
C VAL A 820 3.41 -16.29 36.60
N ASN A 821 4.63 -16.80 36.69
CA ASN A 821 5.33 -16.82 37.97
C ASN A 821 6.59 -15.99 37.79
N THR A 822 6.70 -14.92 38.56
CA THR A 822 7.81 -13.99 38.35
C THR A 822 9.06 -14.37 39.11
N GLY A 823 8.97 -15.44 39.90
CA GLY A 823 10.04 -15.81 40.82
C GLY A 823 9.65 -15.39 42.24
N GLU A 824 8.78 -14.40 42.36
CA GLU A 824 8.43 -13.82 43.66
CA GLU A 824 8.43 -13.86 43.68
C GLU A 824 6.91 -13.84 43.90
N LYS A 825 6.16 -14.12 42.85
CA LYS A 825 4.70 -13.97 42.89
C LYS A 825 4.16 -14.76 41.72
N GLU A 826 2.94 -15.28 41.89
CA GLU A 826 2.28 -16.03 40.81
C GLU A 826 0.90 -15.45 40.59
N VAL A 827 0.55 -15.21 39.32
CA VAL A 827 -0.81 -14.76 38.98
C VAL A 827 -1.41 -15.68 37.93
N THR A 828 -2.72 -15.83 37.96
CA THR A 828 -3.36 -16.76 37.03
C THR A 828 -4.73 -16.25 36.61
N THR A 829 -5.10 -16.58 35.38
CA THR A 829 -6.40 -16.23 34.83
C THR A 829 -6.89 -17.46 34.10
N TYR A 830 -8.21 -17.70 34.11
CA TYR A 830 -8.72 -18.87 33.40
C TYR A 830 -10.05 -18.60 32.70
N THR A 831 -10.39 -19.51 31.79
CA THR A 831 -11.73 -19.55 31.22
C THR A 831 -12.28 -20.97 31.30
N ASN A 832 -13.58 -21.07 31.55
CA ASN A 832 -14.31 -22.31 31.28
C ASN A 832 -14.73 -22.26 29.82
N LYS A 833 -15.88 -22.84 29.47
CA LYS A 833 -16.25 -22.84 28.05
C LYS A 833 -16.41 -21.40 27.53
N SER A 834 -15.79 -21.14 26.38
CA SER A 834 -15.88 -19.80 25.75
C SER A 834 -17.33 -19.51 25.34
N LEU A 835 -17.77 -18.26 25.53
CA LEU A 835 -19.15 -17.91 25.25
C LEU A 835 -19.34 -16.70 24.30
N ALA A 836 -18.24 -16.12 23.80
CA ALA A 836 -18.36 -14.98 22.89
C ALA A 836 -17.62 -15.23 21.58
N LEU A 837 -18.36 -15.22 20.47
CA LEU A 837 -17.76 -15.41 19.16
C LEU A 837 -16.89 -14.19 18.86
N ASN A 838 -15.87 -14.40 18.01
CA ASN A 838 -14.98 -13.28 17.68
C ASN A 838 -15.42 -12.54 16.40
N TYR A 839 -15.66 -11.24 16.56
CA TYR A 839 -16.19 -10.41 15.46
C TYR A 839 -15.21 -9.36 14.90
N VAL A 840 -13.91 -9.52 15.18
CA VAL A 840 -12.88 -8.55 14.73
C VAL A 840 -12.36 -8.93 13.34
N LYS A 841 -12.78 -8.18 12.32
CA LYS A 841 -12.52 -8.60 10.94
C LYS A 841 -11.01 -8.66 10.57
N ALA A 842 -10.19 -7.73 11.11
CA ALA A 842 -8.76 -7.74 10.79
C ALA A 842 -7.97 -8.74 11.64
N TYR A 843 -8.66 -9.46 12.53
CA TYR A 843 -8.03 -10.43 13.44
C TYR A 843 -8.11 -11.83 12.82
N ALA A 844 -7.00 -12.58 12.87
CA ALA A 844 -6.91 -13.82 12.09
C ALA A 844 -7.86 -14.91 12.59
N HIS A 845 -8.27 -14.83 13.86
CA HIS A 845 -9.15 -15.88 14.40
C HIS A 845 -10.59 -15.37 14.64
N ASN A 846 -11.10 -14.48 13.76
CA ASN A 846 -12.52 -14.14 13.84
C ASN A 846 -13.40 -15.35 13.45
N THR A 847 -14.70 -15.22 13.61
CA THR A 847 -15.61 -16.37 13.42
C THR A 847 -16.07 -16.63 11.97
N ARG A 848 -15.52 -15.92 10.98
CA ARG A 848 -15.80 -16.26 9.57
C ARG A 848 -15.41 -17.70 9.31
N ARG A 849 -16.29 -18.43 8.63
CA ARG A 849 -16.12 -19.86 8.47
C ARG A 849 -14.73 -20.24 7.96
N ASN A 850 -14.20 -19.50 6.99
CA ASN A 850 -12.95 -19.95 6.39
C ASN A 850 -11.68 -19.69 7.22
N ASN A 851 -11.83 -19.02 8.35
CA ASN A 851 -10.74 -19.00 9.33
C ASN A 851 -11.24 -19.35 10.73
N ALA A 852 -12.35 -20.09 10.78
CA ALA A 852 -12.87 -20.65 12.02
C ALA A 852 -11.88 -21.62 12.70
N THR A 853 -12.07 -21.78 14.00
CA THR A 853 -11.23 -22.65 14.81
C THR A 853 -11.58 -24.08 14.47
N VAL A 854 -12.85 -24.41 14.63
CA VAL A 854 -13.38 -25.77 14.40
C VAL A 854 -14.90 -25.66 14.39
N ASP A 855 -15.58 -26.59 13.70
CA ASP A 855 -17.07 -26.56 13.62
C ASP A 855 -17.61 -25.22 13.09
N ASP A 856 -16.84 -24.62 12.19
CA ASP A 856 -17.21 -23.39 11.48
C ASP A 856 -17.31 -22.12 12.35
N THR A 857 -16.88 -22.20 13.61
CA THR A 857 -16.95 -21.00 14.48
C THR A 857 -15.60 -20.68 15.13
N SER A 858 -15.49 -19.45 15.64
CA SER A 858 -14.36 -19.10 16.50
C SER A 858 -14.83 -18.29 17.67
N TYR A 859 -14.44 -18.75 18.86
CA TYR A 859 -14.63 -18.00 20.09
C TYR A 859 -13.32 -17.43 20.63
N PHE A 860 -12.28 -17.34 19.79
CA PHE A 860 -11.00 -16.81 20.29
C PHE A 860 -11.17 -15.43 20.92
N GLN A 861 -10.64 -15.26 22.13
CA GLN A 861 -10.61 -13.96 22.75
C GLN A 861 -9.33 -13.93 23.58
N ASN A 862 -8.76 -12.74 23.74
CA ASN A 862 -7.49 -12.63 24.46
C ASN A 862 -7.67 -12.77 25.97
N MET A 863 -6.89 -13.71 26.54
CA MET A 863 -6.97 -14.03 27.97
C MET A 863 -5.70 -13.52 28.63
N TYR A 864 -5.88 -12.59 29.57
CA TYR A 864 -4.79 -11.79 30.13
C TYR A 864 -4.37 -12.17 31.54
N ALA A 865 -3.07 -12.01 31.81
CA ALA A 865 -2.57 -11.87 33.19
C ALA A 865 -1.69 -10.60 33.24
N PHE A 866 -1.77 -9.88 34.34
CA PHE A 866 -1.00 -8.65 34.54
C PHE A 866 -0.05 -8.86 35.69
N PHE A 867 1.25 -8.58 35.46
CA PHE A 867 2.27 -8.87 36.45
C PHE A 867 3.34 -7.81 36.46
N THR A 868 4.20 -7.87 37.47
CA THR A 868 5.32 -6.92 37.61
C THR A 868 6.58 -7.74 37.91
N THR A 869 7.64 -7.50 37.13
CA THR A 869 8.90 -8.18 37.40
C THR A 869 9.52 -7.61 38.66
N GLY A 870 10.28 -8.45 39.36
CA GLY A 870 11.09 -7.99 40.48
C GLY A 870 12.49 -7.60 40.04
N ALA A 871 13.47 -7.80 40.92
CA ALA A 871 14.85 -7.38 40.66
C ALA A 871 15.56 -8.38 39.76
N ASP A 872 15.09 -9.63 39.76
CA ASP A 872 15.76 -10.72 39.03
C ASP A 872 14.78 -11.30 38.02
N VAL A 873 15.14 -11.28 36.73
CA VAL A 873 14.23 -11.74 35.67
C VAL A 873 14.75 -13.01 34.99
N SER A 874 15.59 -13.76 35.72
CA SER A 874 16.18 -14.98 35.15
C SER A 874 15.26 -16.20 35.27
N ASN A 875 14.21 -16.07 36.05
CA ASN A 875 13.29 -17.21 36.22
C ASN A 875 11.82 -16.80 36.26
N VAL A 876 11.38 -16.12 35.19
CA VAL A 876 10.00 -15.72 35.04
C VAL A 876 9.40 -16.75 34.07
N THR A 877 8.31 -17.40 34.47
CA THR A 877 7.73 -18.44 33.62
C THR A 877 6.31 -18.11 33.19
N LEU A 878 5.95 -18.63 32.02
CA LEU A 878 4.59 -18.55 31.51
C LEU A 878 4.09 -19.96 31.31
N THR A 879 2.94 -20.28 31.89
CA THR A 879 2.37 -21.62 31.72
C THR A 879 0.94 -21.55 31.15
N LEU A 880 0.69 -22.33 30.11
CA LEU A 880 -0.65 -22.60 29.62
C LEU A 880 -1.07 -23.97 30.14
N SER A 881 -2.27 -24.04 30.73
CA SER A 881 -2.72 -25.33 31.27
CA SER A 881 -2.76 -25.27 31.38
C SER A 881 -4.20 -25.62 30.97
N ARG A 882 -4.53 -26.89 31.09
CA ARG A 882 -5.89 -27.30 30.87
C ARG A 882 -6.18 -28.43 31.86
N GLU A 883 -7.21 -28.23 32.69
CA GLU A 883 -7.65 -29.29 33.62
CA GLU A 883 -7.68 -29.28 33.62
C GLU A 883 -8.33 -30.40 32.81
N ALA A 884 -8.73 -31.49 33.49
CA ALA A 884 -9.28 -32.65 32.79
C ALA A 884 -10.54 -32.29 32.01
N GLY A 885 -10.64 -32.81 30.78
CA GLY A 885 -11.86 -32.64 29.95
C GLY A 885 -11.74 -33.42 28.66
N ASP A 886 -12.89 -33.84 28.11
CA ASP A 886 -12.92 -34.56 26.85
C ASP A 886 -12.74 -33.60 25.68
N GLU A 887 -13.44 -32.46 25.73
CA GLU A 887 -13.41 -31.50 24.59
C GLU A 887 -12.10 -30.73 24.52
N ALA A 888 -11.92 -29.97 23.43
CA ALA A 888 -10.64 -29.30 23.14
C ALA A 888 -10.57 -27.85 23.61
N THR A 889 -9.38 -27.43 24.03
CA THR A 889 -9.11 -25.98 24.13
C THR A 889 -8.07 -25.67 23.09
N TYR A 890 -8.23 -24.53 22.40
CA TYR A 890 -7.29 -24.08 21.40
C TYR A 890 -6.62 -22.81 21.92
N PHE A 891 -5.30 -22.75 21.80
CA PHE A 891 -4.55 -21.54 22.22
C PHE A 891 -3.72 -21.08 21.03
N ASP A 892 -3.55 -19.77 20.89
CA ASP A 892 -2.65 -19.27 19.85
C ASP A 892 -2.31 -17.85 20.21
N GLU A 893 -1.07 -17.44 19.90
CA GLU A 893 -0.61 -16.05 20.06
CA GLU A 893 -0.62 -16.06 20.06
C GLU A 893 -0.41 -15.66 21.53
N ILE A 894 0.81 -15.80 22.01
CA ILE A 894 1.16 -15.41 23.37
C ILE A 894 1.95 -14.12 23.28
N ARG A 895 1.35 -13.01 23.72
CA ARG A 895 1.99 -11.70 23.59
C ARG A 895 2.27 -11.09 24.96
N THR A 896 3.55 -10.82 25.24
CA THR A 896 3.99 -10.25 26.50
C THR A 896 4.54 -8.86 26.21
N PHE A 897 4.05 -7.85 26.91
CA PHE A 897 4.36 -6.47 26.54
C PHE A 897 4.16 -5.53 27.71
N GLU A 898 4.95 -4.45 27.74
CA GLU A 898 4.81 -3.47 28.83
C GLU A 898 3.42 -2.89 28.90
N ASN A 899 2.92 -2.68 30.12
CA ASN A 899 1.57 -2.15 30.29
C ASN A 899 1.46 -1.54 31.67
N ASN A 900 0.87 -0.35 31.76
CA ASN A 900 0.82 0.34 33.05
CA ASN A 900 0.82 0.40 33.00
C ASN A 900 -0.59 0.49 33.61
N SER A 901 -1.46 -0.49 33.32
CA SER A 901 -2.82 -0.40 33.89
C SER A 901 -2.82 -0.62 35.42
N SER A 902 -3.88 -0.13 36.06
CA SER A 902 -4.02 -0.29 37.52
CA SER A 902 -4.02 -0.26 37.52
C SER A 902 -5.45 -0.69 37.86
N MET A 903 -5.85 -1.83 37.33
CA MET A 903 -7.27 -2.24 37.35
C MET A 903 -7.75 -2.94 38.62
N TYR A 904 -6.82 -3.40 39.47
CA TYR A 904 -7.19 -4.30 40.57
C TYR A 904 -6.91 -3.65 41.91
N GLY A 905 -7.93 -3.01 42.48
CA GLY A 905 -7.73 -2.32 43.76
C GLY A 905 -6.68 -1.24 43.66
N ASP A 906 -6.71 -0.51 42.55
CA ASP A 906 -5.74 0.51 42.19
C ASP A 906 -4.31 -0.01 42.04
N LYS A 907 -4.15 -1.31 41.84
CA LYS A 907 -2.82 -1.88 41.59
C LYS A 907 -2.77 -2.54 40.21
N HIS A 908 -1.56 -2.71 39.69
CA HIS A 908 -1.36 -3.30 38.36
C HIS A 908 -1.70 -4.79 38.28
N ASP A 909 -1.16 -5.61 39.19
CA ASP A 909 -1.22 -7.08 39.03
C ASP A 909 -2.62 -7.66 39.14
N THR A 910 -2.88 -8.69 38.34
CA THR A 910 -4.04 -9.54 38.48
C THR A 910 -4.20 -9.88 39.96
N GLY A 911 -5.35 -9.53 40.55
CA GLY A 911 -5.58 -9.79 41.96
C GLY A 911 -6.95 -9.34 42.44
N LYS A 912 -7.11 -9.36 43.76
CA LYS A 912 -8.41 -9.07 44.36
C LYS A 912 -8.60 -7.56 44.43
N GLY A 913 -9.78 -7.11 44.80
CA GLY A 913 -9.88 -5.66 44.99
C GLY A 913 -10.71 -5.10 43.86
N THR A 914 -11.23 -3.91 44.08
CA THR A 914 -12.21 -3.34 43.20
C THR A 914 -11.67 -3.19 41.78
N PHE A 915 -12.45 -3.67 40.81
CA PHE A 915 -12.09 -3.54 39.40
C PHE A 915 -12.39 -2.13 38.88
N LYS A 916 -11.42 -1.46 38.25
CA LYS A 916 -11.69 -0.15 37.66
C LYS A 916 -11.02 -0.08 36.28
N GLN A 917 -11.69 0.53 35.33
CA GLN A 917 -11.18 0.73 33.99
C GLN A 917 -11.45 2.18 33.62
N ASP A 918 -10.39 3.00 33.64
CA ASP A 918 -10.49 4.37 33.19
C ASP A 918 -10.09 4.51 31.71
N PHE A 919 -9.77 3.36 31.09
CA PHE A 919 -9.35 3.29 29.66
C PHE A 919 -8.05 4.01 29.32
N GLU A 920 -7.31 4.44 30.35
CA GLU A 920 -6.12 5.26 30.13
C GLU A 920 -4.86 4.43 29.82
N ASN A 921 -4.90 3.14 30.13
CA ASN A 921 -3.74 2.25 29.94
C ASN A 921 -4.12 0.87 29.42
N VAL A 922 -4.98 0.86 28.39
CA VAL A 922 -5.45 -0.40 27.83
C VAL A 922 -4.34 -1.05 26.99
N ALA A 923 -4.10 -2.33 27.26
CA ALA A 923 -3.13 -3.09 26.50
C ALA A 923 -3.57 -3.19 25.02
N GLN A 924 -4.77 -3.71 24.77
CA GLN A 924 -5.40 -3.62 23.43
C GLN A 924 -6.87 -3.91 23.54
N GLY A 925 -7.62 -3.54 22.50
CA GLY A 925 -9.06 -3.82 22.48
C GLY A 925 -9.81 -2.94 23.44
N ILE A 926 -10.91 -3.48 23.97
CA ILE A 926 -11.83 -2.69 24.77
C ILE A 926 -12.09 -3.39 26.12
N PHE A 927 -11.07 -4.13 26.58
CA PHE A 927 -11.08 -4.86 27.86
C PHE A 927 -11.68 -4.03 28.99
N PRO A 928 -12.56 -4.59 29.84
CA PRO A 928 -12.87 -6.01 29.92
C PRO A 928 -13.95 -6.50 28.95
N PHE A 929 -14.50 -5.59 28.15
CA PHE A 929 -15.42 -6.00 27.09
C PHE A 929 -14.67 -6.61 25.90
N VAL A 930 -15.43 -7.32 25.08
CA VAL A 930 -14.97 -7.70 23.73
C VAL A 930 -16.09 -7.26 22.78
N VAL A 931 -15.73 -6.90 21.54
CA VAL A 931 -16.77 -6.45 20.60
C VAL A 931 -17.77 -7.58 20.34
N GLY A 932 -19.05 -7.22 20.28
CA GLY A 932 -20.12 -8.18 20.01
C GLY A 932 -20.50 -8.22 18.54
N GLY A 933 -21.64 -8.84 18.24
CA GLY A 933 -22.02 -9.18 16.87
C GLY A 933 -22.90 -8.19 16.14
N VAL A 934 -23.09 -7.01 16.73
CA VAL A 934 -23.94 -5.95 16.18
C VAL A 934 -23.72 -5.68 14.68
N GLU A 935 -22.47 -5.70 14.23
CA GLU A 935 -22.13 -5.50 12.80
C GLU A 935 -21.63 -6.78 12.15
N GLY A 936 -21.80 -7.93 12.84
CA GLY A 936 -21.21 -9.18 12.36
C GLY A 936 -19.69 -9.04 12.40
N VAL A 937 -18.98 -9.86 11.62
CA VAL A 937 -17.51 -9.76 11.56
C VAL A 937 -17.18 -8.48 10.78
N GLU A 938 -16.57 -7.51 11.43
CA GLU A 938 -16.46 -6.15 10.85
C GLU A 938 -15.23 -5.45 11.38
N ASP A 939 -14.81 -4.38 10.68
CA ASP A 939 -13.89 -3.42 11.30
C ASP A 939 -14.77 -2.60 12.24
N ASN A 940 -14.82 -3.08 13.48
CA ASN A 940 -15.92 -2.76 14.39
C ASN A 940 -15.91 -1.27 14.68
N ARG A 941 -17.10 -0.67 14.61
CA ARG A 941 -17.22 0.78 14.87
C ARG A 941 -17.26 1.19 16.35
N THR A 942 -16.53 0.44 17.18
CA THR A 942 -16.30 0.74 18.59
C THR A 942 -14.78 0.73 18.78
N HIS A 943 -14.23 1.73 19.47
CA HIS A 943 -12.77 1.81 19.63
C HIS A 943 -12.46 2.73 20.81
N LEU A 944 -11.18 2.89 21.14
CA LEU A 944 -10.82 3.83 22.22
C LEU A 944 -10.63 5.22 21.64
N SER A 945 -11.49 6.14 22.06
CA SER A 945 -11.45 7.51 21.59
C SER A 945 -10.37 8.31 22.33
N GLU A 946 -9.65 9.14 21.57
CA GLU A 946 -8.56 9.93 22.11
C GLU A 946 -8.94 11.42 22.21
N LYS A 947 -8.59 12.07 23.31
CA LYS A 947 -8.99 13.47 23.50
C LYS A 947 -8.15 14.47 22.70
N HIS A 948 -8.82 15.43 22.09
CA HIS A 948 -8.13 16.60 21.56
C HIS A 948 -9.03 17.81 21.72
N ASP A 949 -8.87 18.49 22.86
CA ASP A 949 -9.62 19.72 23.19
CA ASP A 949 -9.69 19.65 23.14
C ASP A 949 -9.28 20.78 22.17
N PRO A 950 -10.27 21.51 21.60
CA PRO A 950 -11.72 21.40 21.88
C PRO A 950 -12.46 20.50 20.88
N TYR A 951 -11.76 20.05 19.85
CA TYR A 951 -12.39 19.44 18.65
C TYR A 951 -13.17 18.13 18.91
N THR A 952 -12.70 17.33 19.87
CA THR A 952 -13.35 16.06 20.18
C THR A 952 -14.47 16.23 21.21
N GLN A 953 -14.66 17.44 21.74
CA GLN A 953 -15.48 17.64 22.94
C GLN A 953 -16.71 18.49 22.63
N ARG A 954 -17.69 18.42 23.52
CA ARG A 954 -18.93 19.17 23.35
C ARG A 954 -18.69 20.57 22.89
N GLY A 955 -19.44 20.99 21.88
CA GLY A 955 -19.49 22.39 21.53
C GLY A 955 -18.75 22.69 20.25
N TRP A 956 -17.70 21.93 19.91
CA TRP A 956 -16.93 22.23 18.68
C TRP A 956 -17.75 21.79 17.48
N ASN A 957 -18.03 22.71 16.54
CA ASN A 957 -18.91 22.39 15.39
C ASN A 957 -20.24 21.78 15.89
N GLY A 958 -20.75 22.30 17.00
CA GLY A 958 -22.05 21.89 17.52
C GLY A 958 -22.09 20.48 18.11
N LYS A 959 -20.91 19.90 18.42
CA LYS A 959 -20.86 18.51 18.95
C LYS A 959 -21.67 18.42 20.25
N LYS A 960 -22.53 17.40 20.37
CA LYS A 960 -23.48 17.30 21.51
C LYS A 960 -22.89 16.61 22.70
N VAL A 961 -21.95 15.69 22.41
CA VAL A 961 -21.35 14.84 23.47
C VAL A 961 -19.81 14.82 23.34
N ASP A 962 -19.13 14.50 24.42
CA ASP A 962 -17.66 14.43 24.43
C ASP A 962 -17.23 13.08 23.88
N ASP A 963 -16.21 13.05 23.02
CA ASP A 963 -15.57 11.78 22.66
C ASP A 963 -14.92 11.20 23.90
N VAL A 964 -14.38 12.08 24.75
CA VAL A 964 -13.66 11.61 25.93
C VAL A 964 -14.22 12.26 27.20
N ILE A 965 -14.62 11.40 28.13
CA ILE A 965 -15.28 11.81 29.35
C ILE A 965 -14.29 12.31 30.41
N GLU A 966 -13.23 11.53 30.64
CA GLU A 966 -12.20 11.96 31.59
C GLU A 966 -10.86 11.38 31.16
N GLY A 967 -9.79 12.13 31.49
CA GLY A 967 -8.43 11.75 31.07
C GLY A 967 -8.31 11.94 29.56
N ASN A 968 -7.52 11.07 28.92
CA ASN A 968 -7.31 11.16 27.49
C ASN A 968 -8.06 10.13 26.64
N TRP A 969 -8.71 9.17 27.28
CA TRP A 969 -9.30 8.06 26.55
C TRP A 969 -10.66 7.65 27.08
N SER A 970 -11.58 7.29 26.17
CA SER A 970 -12.85 6.67 26.58
C SER A 970 -13.12 5.52 25.61
N LEU A 971 -14.25 4.85 25.81
CA LEU A 971 -14.69 3.79 24.95
C LEU A 971 -15.84 4.35 24.10
N LYS A 972 -15.61 4.48 22.79
CA LYS A 972 -16.58 5.14 21.90
C LYS A 972 -17.18 4.19 20.88
N THR A 973 -18.50 4.31 20.69
CA THR A 973 -19.22 3.60 19.64
C THR A 973 -19.81 4.66 18.69
N ASN A 974 -19.51 4.51 17.40
CA ASN A 974 -19.86 5.52 16.40
C ASN A 974 -21.07 5.11 15.57
N GLY A 975 -22.22 5.69 15.90
CA GLY A 975 -23.41 5.60 15.03
C GLY A 975 -24.15 4.29 14.94
N LEU A 976 -23.92 3.35 15.88
CA LEU A 976 -24.50 2.02 15.81
C LEU A 976 -25.87 1.96 16.49
N VAL A 977 -26.79 2.83 16.03
CA VAL A 977 -28.15 2.90 16.57
C VAL A 977 -29.09 1.99 15.80
N SER A 978 -30.16 1.54 16.47
CA SER A 978 -31.30 0.87 15.83
C SER A 978 -30.95 -0.47 15.23
N ARG A 979 -29.99 -1.17 15.85
CA ARG A 979 -29.50 -2.43 15.30
CA ARG A 979 -29.50 -2.42 15.31
C ARG A 979 -30.09 -3.67 15.99
N ARG A 980 -30.74 -3.49 17.14
CA ARG A 980 -31.29 -4.65 17.91
C ARG A 980 -30.24 -5.75 18.09
N ASN A 981 -29.08 -5.37 18.63
CA ASN A 981 -28.03 -6.36 18.78
C ASN A 981 -26.98 -5.88 19.77
N LEU A 982 -26.10 -6.80 20.17
CA LEU A 982 -25.16 -6.52 21.24
C LEU A 982 -23.91 -5.82 20.69
N VAL A 983 -23.58 -4.66 21.23
CA VAL A 983 -22.44 -3.86 20.77
C VAL A 983 -21.12 -4.40 21.33
N TYR A 984 -21.14 -4.71 22.62
CA TYR A 984 -20.02 -5.38 23.29
C TYR A 984 -20.45 -5.96 24.65
N GLN A 985 -19.64 -6.90 25.18
CA GLN A 985 -19.95 -7.57 26.46
C GLN A 985 -18.65 -7.97 27.17
N THR A 986 -18.73 -8.06 28.49
CA THR A 986 -17.68 -8.72 29.25
C THR A 986 -17.73 -10.22 28.93
N ILE A 987 -16.63 -10.92 29.22
CA ILE A 987 -16.60 -12.38 29.16
C ILE A 987 -15.93 -12.81 30.49
N PRO A 988 -16.23 -14.02 30.99
CA PRO A 988 -15.70 -14.36 32.31
C PRO A 988 -14.15 -14.34 32.42
N GLN A 989 -13.44 -14.71 31.35
CA GLN A 989 -11.96 -14.66 31.41
C GLN A 989 -11.46 -13.22 31.64
N ASN A 990 -12.26 -12.22 31.25
CA ASN A 990 -11.88 -10.82 31.44
C ASN A 990 -12.44 -10.25 32.75
N PHE A 991 -13.68 -10.62 33.08
CA PHE A 991 -14.20 -10.27 34.40
C PHE A 991 -15.26 -11.30 34.73
N ARG A 992 -15.05 -12.04 35.82
CA ARG A 992 -15.98 -13.09 36.21
C ARG A 992 -16.90 -12.59 37.34
N PHE A 993 -18.21 -12.68 37.12
CA PHE A 993 -19.19 -12.38 38.16
C PHE A 993 -19.37 -13.73 38.87
N GLU A 994 -18.69 -13.91 40.01
CA GLU A 994 -18.67 -15.23 40.68
CA GLU A 994 -18.68 -15.23 40.67
C GLU A 994 -20.08 -15.64 41.10
N ALA A 995 -20.38 -16.93 40.93
CA ALA A 995 -21.66 -17.54 41.30
C ALA A 995 -22.15 -17.10 42.67
N GLY A 996 -23.34 -16.53 42.72
CA GLY A 996 -23.95 -16.15 43.99
C GLY A 996 -23.44 -14.87 44.61
N LYS A 997 -22.40 -14.26 44.04
CA LYS A 997 -21.89 -13.01 44.57
C LYS A 997 -22.52 -11.82 43.85
N THR A 998 -22.63 -10.71 44.56
CA THR A 998 -23.31 -9.51 44.02
C THR A 998 -22.33 -8.35 43.86
N TYR A 999 -22.46 -7.65 42.73
CA TYR A 999 -21.53 -6.58 42.32
C TYR A 999 -22.28 -5.32 42.00
N ARG A 1000 -21.71 -4.17 42.35
CA ARG A 1000 -22.17 -2.89 41.86
C ARG A 1000 -21.32 -2.52 40.64
N VAL A 1001 -21.99 -2.33 39.51
CA VAL A 1001 -21.35 -1.92 38.26
C VAL A 1001 -21.70 -0.47 38.06
N THR A 1002 -20.69 0.39 37.97
CA THR A 1002 -20.92 1.83 37.73
CA THR A 1002 -20.90 1.82 37.77
C THR A 1002 -20.06 2.31 36.57
N PHE A 1003 -20.56 3.30 35.82
CA PHE A 1003 -19.75 3.92 34.77
C PHE A 1003 -20.35 5.27 34.47
N GLU A 1004 -19.56 6.11 33.83
CA GLU A 1004 -20.08 7.34 33.27
C GLU A 1004 -20.29 7.14 31.77
N TYR A 1005 -21.25 7.84 31.19
CA TYR A 1005 -21.53 7.64 29.77
C TYR A 1005 -22.00 8.92 29.10
N GLU A 1006 -21.72 9.03 27.79
CA GLU A 1006 -22.42 10.00 26.95
C GLU A 1006 -23.35 9.21 26.03
N ALA A 1007 -24.53 9.76 25.74
CA ALA A 1007 -25.38 9.15 24.70
C ALA A 1007 -26.06 10.29 23.96
N GLY A 1008 -26.03 10.24 22.63
CA GLY A 1008 -26.54 11.37 21.87
C GLY A 1008 -28.06 11.43 21.75
N SER A 1009 -28.72 10.30 22.00
CA SER A 1009 -30.19 10.21 21.91
C SER A 1009 -30.77 9.34 23.01
N ASP A 1010 -32.06 9.54 23.31
CA ASP A 1010 -32.73 8.71 24.32
C ASP A 1010 -32.95 7.28 23.87
N ASN A 1011 -32.55 6.33 24.72
CA ASN A 1011 -32.94 4.93 24.56
C ASN A 1011 -32.48 4.25 23.28
N THR A 1012 -31.43 4.79 22.70
CA THR A 1012 -30.80 4.15 21.53
C THR A 1012 -29.85 3.04 21.99
N TYR A 1013 -29.21 3.25 23.14
CA TYR A 1013 -28.34 2.25 23.75
C TYR A 1013 -28.87 1.82 25.10
N ALA A 1014 -28.55 0.58 25.49
CA ALA A 1014 -28.99 0.05 26.78
C ALA A 1014 -27.87 -0.72 27.46
N PHE A 1015 -27.79 -0.58 28.77
CA PHE A 1015 -26.90 -1.43 29.57
C PHE A 1015 -27.65 -2.75 29.73
N VAL A 1016 -26.98 -3.88 29.53
CA VAL A 1016 -27.67 -5.17 29.60
C VAL A 1016 -26.89 -6.16 30.47
N VAL A 1017 -27.64 -7.09 31.08
CA VAL A 1017 -27.07 -8.23 31.83
C VAL A 1017 -27.52 -9.52 31.18
N GLY A 1018 -26.56 -10.38 30.85
CA GLY A 1018 -26.86 -11.67 30.25
C GLY A 1018 -26.08 -12.77 30.94
N LYS A 1019 -26.27 -14.00 30.47
CA LYS A 1019 -25.44 -15.11 30.88
C LYS A 1019 -25.33 -16.08 29.73
N GLY A 1020 -24.21 -16.82 29.68
CA GLY A 1020 -23.99 -17.78 28.60
C GLY A 1020 -23.80 -17.11 27.24
N GLU A 1021 -23.97 -17.87 26.17
CA GLU A 1021 -23.75 -17.34 24.85
C GLU A 1021 -24.94 -16.49 24.36
N PHE A 1022 -24.68 -15.28 23.91
CA PHE A 1022 -25.74 -14.43 23.39
C PHE A 1022 -26.27 -14.90 22.03
N GLN A 1023 -27.60 -15.04 21.94
CA GLN A 1023 -28.27 -15.28 20.65
C GLN A 1023 -29.20 -14.10 20.33
N SER A 1024 -29.03 -13.47 19.18
CA SER A 1024 -29.89 -12.34 18.81
C SER A 1024 -31.27 -12.81 18.32
N GLN A 1030 -34.22 -18.31 18.35
CA GLN A 1030 -34.42 -18.17 19.80
C GLN A 1030 -33.46 -17.12 20.37
N ALA A 1031 -34.00 -15.94 20.73
CA ALA A 1031 -33.21 -14.82 21.27
C ALA A 1031 -32.88 -15.03 22.75
N SER A 1032 -31.76 -14.46 23.22
CA SER A 1032 -31.40 -14.59 24.62
C SER A 1032 -32.21 -13.66 25.47
N ASN A 1033 -32.60 -14.13 26.66
CA ASN A 1033 -33.09 -13.25 27.71
C ASN A 1033 -32.00 -12.25 28.07
N LEU A 1034 -32.35 -10.97 28.12
CA LEU A 1034 -31.45 -9.96 28.67
C LEU A 1034 -32.20 -9.14 29.68
N GLU A 1035 -31.53 -8.73 30.74
CA GLU A 1035 -32.02 -7.69 31.60
C GLU A 1035 -31.63 -6.38 30.91
N MET A 1036 -32.62 -5.55 30.62
CA MET A 1036 -32.46 -4.42 29.71
C MET A 1036 -32.63 -3.09 30.43
N HIS A 1037 -31.64 -2.21 30.34
CA HIS A 1037 -31.76 -0.87 30.92
C HIS A 1037 -31.45 0.20 29.88
N GLU A 1038 -32.49 0.68 29.19
CA GLU A 1038 -32.33 1.74 28.18
C GLU A 1038 -31.81 3.04 28.82
N LEU A 1039 -30.89 3.72 28.15
CA LEU A 1039 -30.23 4.88 28.74
C LEU A 1039 -30.67 6.17 28.07
N PRO A 1040 -30.96 7.21 28.88
CA PRO A 1040 -31.41 8.48 28.29
C PRO A 1040 -30.22 9.22 27.67
N ASN A 1041 -30.49 10.17 26.77
CA ASN A 1041 -29.42 11.04 26.29
C ASN A 1041 -28.82 11.85 27.44
N THR A 1042 -27.58 12.28 27.26
CA THR A 1042 -26.84 12.90 28.34
C THR A 1042 -26.59 14.38 28.14
N TRP A 1043 -27.17 15.02 27.13
CA TRP A 1043 -26.83 16.42 26.87
C TRP A 1043 -28.00 17.39 26.89
N THR A 1044 -29.24 16.94 26.67
CA THR A 1044 -30.35 17.92 26.64
C THR A 1044 -30.58 18.56 28.02
N ASP A 1045 -30.24 17.85 29.09
CA ASP A 1045 -30.50 18.33 30.45
C ASP A 1045 -29.29 18.17 31.33
N SER A 1046 -28.10 18.13 30.72
CA SER A 1046 -26.87 17.92 31.47
C SER A 1046 -25.67 18.49 30.70
N LYS A 1047 -24.70 19.05 31.43
CA LYS A 1047 -23.53 19.67 30.79
C LYS A 1047 -22.39 18.67 30.67
N LYS A 1048 -22.59 17.46 31.17
CA LYS A 1048 -21.56 16.42 31.15
C LYS A 1048 -22.16 15.02 31.17
N ALA A 1049 -21.28 14.03 30.98
CA ALA A 1049 -21.65 12.63 31.02
C ALA A 1049 -22.47 12.30 32.29
N LYS A 1050 -23.41 11.38 32.18
CA LYS A 1050 -24.21 10.96 33.33
C LYS A 1050 -23.58 9.71 33.94
N LYS A 1051 -23.88 9.46 35.21
CA LYS A 1051 -23.36 8.29 35.89
C LYS A 1051 -24.47 7.26 36.00
N ALA A 1052 -24.17 5.99 35.77
CA ALA A 1052 -25.16 4.93 35.83
C ALA A 1052 -24.66 3.87 36.83
N THR A 1053 -25.58 3.23 37.55
CA THR A 1053 -25.18 2.23 38.54
C THR A 1053 -26.18 1.08 38.55
N PHE A 1054 -25.66 -0.15 38.62
CA PHE A 1054 -26.49 -1.35 38.51
C PHE A 1054 -25.97 -2.44 39.44
N LEU A 1055 -26.90 -3.19 40.04
CA LEU A 1055 -26.52 -4.38 40.81
C LEU A 1055 -26.66 -5.62 39.95
N VAL A 1056 -25.66 -6.49 40.02
CA VAL A 1056 -25.61 -7.70 39.22
C VAL A 1056 -25.15 -8.83 40.12
N THR A 1057 -25.92 -9.92 40.19
CA THR A 1057 -25.52 -11.11 40.94
C THR A 1057 -25.10 -12.20 39.94
N GLY A 1058 -23.94 -12.81 40.17
CA GLY A 1058 -23.46 -13.85 39.28
C GLY A 1058 -24.35 -15.07 39.31
N ALA A 1059 -24.74 -15.55 38.13
CA ALA A 1059 -25.52 -16.77 38.00
C ALA A 1059 -24.69 -17.98 38.48
N GLU A 1060 -25.37 -19.03 38.90
CA GLU A 1060 -24.72 -20.19 39.50
C GLU A 1060 -23.82 -20.90 38.48
N THR A 1061 -24.13 -20.71 37.19
CA THR A 1061 -23.33 -21.29 36.12
C THR A 1061 -22.01 -20.55 35.83
N GLY A 1062 -21.78 -19.42 36.49
CA GLY A 1062 -20.49 -18.68 36.43
C GLY A 1062 -20.30 -17.84 35.17
N ASP A 1063 -21.34 -17.80 34.32
CA ASP A 1063 -21.24 -17.22 32.98
C ASP A 1063 -22.03 -15.92 32.78
N THR A 1064 -22.25 -15.18 33.87
CA THR A 1064 -22.90 -13.88 33.81
C THR A 1064 -21.95 -12.87 33.14
N TRP A 1065 -22.55 -11.96 32.38
CA TRP A 1065 -21.78 -10.87 31.76
C TRP A 1065 -22.64 -9.62 31.67
N VAL A 1066 -21.98 -8.50 31.43
CA VAL A 1066 -22.72 -7.26 31.23
C VAL A 1066 -22.24 -6.62 29.92
N GLY A 1067 -23.06 -5.73 29.34
CA GLY A 1067 -22.63 -5.13 28.09
C GLY A 1067 -23.49 -3.97 27.68
N ILE A 1068 -23.32 -3.56 26.43
CA ILE A 1068 -24.07 -2.42 25.86
C ILE A 1068 -24.73 -2.96 24.60
N TYR A 1069 -26.01 -2.67 24.48
CA TYR A 1069 -26.88 -3.22 23.45
C TYR A 1069 -27.45 -2.06 22.66
N SER A 1070 -27.53 -2.22 21.34
CA SER A 1070 -28.11 -1.20 20.46
C SER A 1070 -29.58 -1.59 20.30
N THR A 1071 -30.47 -0.73 20.78
CA THR A 1071 -31.90 -1.07 20.80
C THR A 1071 -32.56 -0.98 19.42
N GLY A 1072 -33.87 -1.27 19.38
CA GLY A 1072 -34.65 -1.11 18.17
C GLY A 1072 -35.15 0.31 17.97
N ASN A 1073 -34.96 1.18 18.94
CA ASN A 1073 -35.46 2.56 18.81
C ASN A 1073 -34.73 3.40 17.79
N ALA A 1074 -35.49 4.26 17.09
CA ALA A 1074 -34.86 5.24 16.20
C ALA A 1074 -34.15 6.31 17.03
N SER A 1075 -32.97 6.72 16.54
CA SER A 1075 -32.27 7.85 17.12
CA SER A 1075 -32.28 7.86 17.13
C SER A 1075 -32.90 9.17 16.65
N ASN A 1076 -32.43 10.29 17.22
CA ASN A 1076 -32.99 11.59 16.92
C ASN A 1076 -31.88 12.56 16.52
N THR A 1077 -31.78 12.90 15.23
CA THR A 1077 -30.71 13.82 14.79
C THR A 1077 -31.14 15.28 14.80
N ARG A 1078 -32.30 15.54 15.43
CA ARG A 1078 -32.76 16.91 15.75
C ARG A 1078 -32.77 17.84 14.55
N GLY A 1079 -33.05 17.28 13.37
CA GLY A 1079 -33.14 18.10 12.17
C GLY A 1079 -31.85 18.21 11.41
N ASP A 1080 -30.75 17.72 11.99
CA ASP A 1080 -29.46 17.67 11.28
C ASP A 1080 -29.44 16.43 10.40
N SER A 1081 -28.55 16.43 9.42
CA SER A 1081 -28.46 15.32 8.48
C SER A 1081 -27.01 15.13 8.07
N GLY A 1082 -26.72 14.00 7.42
CA GLY A 1082 -25.43 13.82 6.75
C GLY A 1082 -24.26 13.96 7.70
N GLY A 1083 -23.21 14.62 7.22
CA GLY A 1083 -21.98 14.78 7.99
C GLY A 1083 -22.17 15.47 9.33
N ASN A 1084 -22.94 16.55 9.37
CA ASN A 1084 -23.26 17.21 10.63
C ASN A 1084 -23.88 16.24 11.63
N ALA A 1085 -24.84 15.44 11.16
CA ALA A 1085 -25.50 14.45 12.06
C ALA A 1085 -24.51 13.42 12.60
N ASN A 1086 -23.65 12.88 11.72
CA ASN A 1086 -22.61 11.94 12.20
C ASN A 1086 -21.63 12.58 13.16
N PHE A 1087 -21.22 13.80 12.86
CA PHE A 1087 -20.14 14.43 13.64
C PHE A 1087 -20.62 14.74 15.03
N ARG A 1088 -21.86 15.23 15.13
CA ARG A 1088 -22.33 15.81 16.39
C ARG A 1088 -22.73 14.79 17.46
N GLY A 1089 -22.86 13.52 17.09
CA GLY A 1089 -22.93 12.47 18.12
C GLY A 1089 -24.33 12.06 18.56
N TYR A 1090 -25.37 12.51 17.87
CA TYR A 1090 -26.72 12.01 18.14
C TYR A 1090 -26.78 10.48 18.22
N ASN A 1091 -25.98 9.82 17.38
CA ASN A 1091 -26.07 8.39 17.24
C ASN A 1091 -24.96 7.66 17.97
N ASP A 1092 -24.27 8.37 18.85
CA ASP A 1092 -23.08 7.82 19.52
C ASP A 1092 -23.33 7.43 20.96
N PHE A 1093 -22.42 6.58 21.46
CA PHE A 1093 -22.38 6.19 22.86
C PHE A 1093 -20.90 6.15 23.28
N MET A 1094 -20.61 6.75 24.43
CA MET A 1094 -19.25 6.72 25.02
C MET A 1094 -19.36 6.28 26.48
N MET A 1095 -18.44 5.38 26.88
CA MET A 1095 -18.32 4.94 28.28
C MET A 1095 -16.94 5.29 28.86
N ASP A 1096 -16.88 5.60 30.16
CA ASP A 1096 -15.58 5.80 30.81
C ASP A 1096 -15.75 5.46 32.28
N ASN A 1097 -14.64 5.33 32.98
CA ASN A 1097 -14.66 5.13 34.44
C ASN A 1097 -15.54 3.99 34.87
N LEU A 1098 -15.35 2.84 34.24
CA LEU A 1098 -16.03 1.66 34.67
C LEU A 1098 -15.47 1.20 36.03
N GLN A 1099 -16.38 0.84 36.93
CA GLN A 1099 -16.00 0.23 38.22
C GLN A 1099 -16.91 -0.95 38.50
N ILE A 1100 -16.33 -2.06 38.92
CA ILE A 1100 -17.14 -3.22 39.30
C ILE A 1100 -16.62 -3.65 40.68
N GLU A 1101 -17.49 -3.51 41.70
CA GLU A 1101 -17.14 -3.77 43.09
C GLU A 1101 -18.01 -4.89 43.68
N GLU A 1102 -17.39 -5.89 44.31
CA GLU A 1102 -18.16 -6.94 44.99
C GLU A 1102 -18.72 -6.32 46.27
N ILE A 1103 -20.02 -6.46 46.52
CA ILE A 1103 -20.62 -5.83 47.70
C ILE A 1103 -21.53 -6.80 48.43
N THR A 1104 -21.92 -6.45 49.64
CA THR A 1104 -22.95 -7.24 50.32
C THR A 1104 -24.13 -6.33 50.47
N LEU A 1105 -25.29 -6.82 50.07
CA LEU A 1105 -26.52 -6.03 50.10
C LEU A 1105 -26.94 -5.81 51.55
N THR A 1106 -26.88 -4.56 52.02
CA THR A 1106 -27.37 -4.19 53.35
C THR A 1106 -28.19 -2.91 53.24
N GLY A 1107 -28.99 -2.64 54.28
CA GLY A 1107 -29.79 -1.42 54.40
C GLY A 1107 -30.60 -1.10 53.16
N LYS A 1108 -30.38 0.09 52.60
CA LYS A 1108 -31.14 0.49 51.43
C LYS A 1108 -30.71 -0.14 50.10
N MET A 1109 -29.56 -0.80 50.05
CA MET A 1109 -29.14 -1.52 48.84
C MET A 1109 -30.19 -2.58 48.53
N LEU A 1110 -30.73 -3.18 49.60
CA LEU A 1110 -31.79 -4.17 49.50
C LEU A 1110 -33.03 -3.72 48.74
N THR A 1111 -33.33 -2.42 48.79
CA THR A 1111 -34.39 -1.85 47.97
C THR A 1111 -33.77 -1.31 46.69
O5 A2G B . -10.35 5.40 1.63
C1 A2G B . -10.55 4.36 0.67
C2 A2G B . -10.12 3.04 1.34
N2 A2G B . -10.33 1.94 0.39
C3 A2G B . -10.98 2.78 2.57
O3 A2G B . -10.61 1.53 3.16
C4 A2G B . -10.78 3.94 3.56
O4 A2G B . -9.43 3.89 4.03
C5 A2G B . -11.07 5.29 2.88
C6 A2G B . -10.62 6.46 3.74
O6 A2G B . -11.14 7.67 3.14
C7 A2G B . -9.35 1.26 -0.09
O7 A2G B . -8.19 1.49 0.21
C8 A2G B . -9.68 0.15 -1.08
C1 GAL B . -11.63 1.00 3.99
C2 GAL B . -11.65 -0.53 3.91
C3 GAL B . -12.75 -1.07 4.84
C4 GAL B . -12.54 -0.54 6.26
C5 GAL B . -12.40 0.99 6.26
C6 GAL B . -12.09 1.51 7.67
O2 GAL B . -11.94 -0.95 2.58
O3 GAL B . -12.71 -2.51 4.83
O4 GAL B . -11.32 -1.11 6.80
O5 GAL B . -11.35 1.36 5.35
O6 GAL B . -12.13 2.95 7.65
N SER C . -13.98 3.43 -1.60
CA SER C . -12.96 4.48 -1.86
C SER C . -11.68 3.87 -2.41
O SER C . -10.70 4.62 -2.58
CB SER C . -12.59 5.18 -0.54
OG SER C . -11.95 4.24 0.34
OXT SER C . -11.62 2.64 -2.65
CA CA D . 14.89 -2.01 -34.19
MN MN E . -10.94 7.73 17.26
CA CA F . -10.78 7.88 30.66
CA CA G . -0.94 -19.56 14.89
C1 CIT H . -22.13 -15.53 7.62
O1 CIT H . -21.97 -16.76 7.44
O2 CIT H . -22.92 -14.86 6.94
C2 CIT H . -21.29 -14.79 8.65
C3 CIT H . -20.62 -15.72 9.64
O7 CIT H . -21.18 -16.99 9.90
C4 CIT H . -19.90 -15.27 10.83
C5 CIT H . -20.83 -14.63 11.81
O3 CIT H . -21.16 -13.43 11.68
O4 CIT H . -21.20 -15.36 12.75
C6 CIT H . -19.50 -16.18 8.67
O5 CIT H . -19.00 -15.37 7.85
O6 CIT H . -19.06 -17.37 8.64
C1 CIT I . -15.32 -33.65 30.18
O1 CIT I . -15.21 -32.59 30.84
O2 CIT I . -14.86 -34.73 30.61
C2 CIT I . -16.01 -33.65 28.83
C3 CIT I . -16.87 -32.46 28.44
O7 CIT I . -17.31 -32.68 27.10
C4 CIT I . -18.14 -32.47 29.30
C5 CIT I . -18.11 -31.61 30.53
O3 CIT I . -19.15 -31.02 30.80
O4 CIT I . -17.09 -31.51 31.25
C6 CIT I . -16.06 -31.17 28.35
O5 CIT I . -16.60 -30.09 28.65
O6 CIT I . -14.87 -31.24 27.96
C1 EDO J . 14.50 9.03 -44.66
O1 EDO J . 14.10 9.40 -46.00
C2 EDO J . 15.79 8.21 -44.66
O2 EDO J . 15.58 6.98 -45.39
C1 EDO K . -13.18 3.83 37.32
O1 EDO K . -13.57 4.45 38.57
C2 EDO K . -11.89 4.45 36.83
O2 EDO K . -10.92 4.76 37.85
C1 EDO L . -33.88 10.96 21.30
O1 EDO L . -33.22 11.92 22.16
C2 EDO L . -35.39 11.14 21.21
O2 EDO L . -35.75 12.53 21.36
C1 EDO M . 17.28 -3.53 -14.81
O1 EDO M . 18.00 -3.68 -13.58
C2 EDO M . 16.26 -4.67 -14.89
O2 EDO M . 15.45 -4.56 -13.71
C1 EDO N . 25.74 6.78 -27.66
O1 EDO N . 26.69 7.33 -28.60
C2 EDO N . 26.36 6.57 -26.29
O2 EDO N . 27.67 6.01 -26.44
C1 EDO O . -4.67 10.51 -32.42
O1 EDO O . -5.27 9.57 -33.32
C2 EDO O . -5.72 11.45 -31.88
O2 EDO O . -5.47 12.76 -32.43
C1 EDO P . -10.56 31.55 2.40
O1 EDO P . -11.16 30.53 1.60
C2 EDO P . -9.75 30.83 3.46
O2 EDO P . -8.60 31.63 3.77
C1 EDO Q . 0.48 -22.32 7.61
O1 EDO Q . 1.62 -22.91 8.26
C2 EDO Q . -0.22 -23.35 6.74
O2 EDO Q . -0.93 -24.28 7.59
C1 EDO R . 1.29 -24.33 -1.21
O1 EDO R . 2.26 -25.09 -0.49
C2 EDO R . 0.43 -23.54 -0.24
O2 EDO R . -0.31 -24.50 0.50
C1 EDO S . 30.06 13.29 -24.03
O1 EDO S . 30.88 12.37 -24.76
C2 EDO S . 29.92 14.58 -24.83
O2 EDO S . 29.42 14.30 -26.14
C1 EDO T . 24.31 33.83 -22.79
O1 EDO T . 25.56 33.55 -22.15
C2 EDO T . 24.51 35.07 -23.64
O2 EDO T . 24.87 36.09 -22.70
C1 EDO U . 8.68 20.99 -37.71
O1 EDO U . 10.10 20.98 -37.71
C2 EDO U . 8.44 22.44 -37.41
O2 EDO U . 8.45 23.17 -38.61
C1 EDO V . -6.04 -5.49 28.37
O1 EDO V . -6.47 -5.00 27.10
C2 EDO V . -6.34 -4.44 29.45
O2 EDO V . -5.29 -3.49 29.49
C1 EDO W . -16.84 12.95 15.90
O1 EDO W . -17.01 11.79 15.07
C2 EDO W . -15.36 13.34 15.99
O2 EDO W . -14.52 12.39 16.72
C1 EDO X . 0.79 -20.03 -14.56
O1 EDO X . 2.21 -20.06 -14.29
C2 EDO X . 0.47 -19.56 -16.01
O2 EDO X . 1.04 -18.26 -16.36
C1 EDO Y . 21.34 5.57 -25.31
O1 EDO Y . 21.40 5.51 -26.75
C2 EDO Y . 22.45 6.51 -24.84
O2 EDO Y . 22.09 7.91 -25.02
C1 EDO Z . 11.42 23.16 -26.06
O1 EDO Z . 11.72 23.92 -27.24
C2 EDO Z . 9.89 23.01 -25.96
O2 EDO Z . 9.49 22.04 -26.92
C1 EDO AA . 7.30 -0.57 38.23
O1 EDO AA . 7.07 0.80 38.56
C2 EDO AA . 6.97 -1.41 39.46
O2 EDO AA . 7.70 -0.97 40.62
C1 EDO BA . 17.00 12.52 -16.12
O1 EDO BA . 16.85 13.26 -17.33
C2 EDO BA . 16.21 13.26 -15.04
O2 EDO BA . 16.64 14.63 -14.99
C1 EDO CA . 23.58 18.57 -19.44
O1 EDO CA . 24.80 18.71 -18.72
C2 EDO CA . 22.55 17.89 -18.55
O2 EDO CA . 21.39 18.70 -18.45
C1 EDO DA . -0.89 -17.54 10.27
O1 EDO DA . -0.86 -16.10 10.17
C2 EDO DA . -0.69 -18.05 8.86
O2 EDO DA . -0.99 -19.46 8.79
C1 EDO EA . 10.35 -36.51 -9.18
O1 EDO EA . 9.58 -37.27 -8.26
C2 EDO EA . 9.74 -36.64 -10.56
O2 EDO EA . 8.32 -36.62 -10.45
C1 EDO FA . 10.59 -24.15 31.62
O1 EDO FA . 10.31 -25.22 32.54
C2 EDO FA . 10.89 -22.90 32.45
O2 EDO FA . 12.13 -23.09 33.14
C1 EDO GA . -6.95 12.19 -13.30
O1 EDO GA . -6.01 11.85 -14.35
C2 EDO GA . -8.03 11.11 -13.18
O2 EDO GA . -8.82 11.15 -14.37
C1 EDO HA . 18.77 -15.58 -16.14
O1 EDO HA . 18.03 -16.47 -15.25
C2 EDO HA . 19.37 -14.35 -15.44
O2 EDO HA . 20.03 -14.76 -14.22
C1 EDO IA . 11.78 18.62 0.02
O1 EDO IA . 13.18 18.90 0.16
C2 EDO IA . 11.63 17.75 -1.22
O2 EDO IA . 12.23 18.41 -2.35
C1 EDO JA . 14.28 -22.88 22.00
O1 EDO JA . 14.87 -21.64 22.39
C2 EDO JA . 14.66 -23.16 20.56
O2 EDO JA . 14.11 -24.44 20.23
C1 EDO KA . 14.70 -19.83 3.30
O1 EDO KA . 15.44 -20.44 4.35
C2 EDO KA . 15.70 -19.06 2.48
O2 EDO KA . 16.27 -20.00 1.58
C1 EDO LA . -27.20 21.67 29.75
O1 EDO LA . -27.81 21.49 31.03
C2 EDO LA . -28.27 21.60 28.68
O2 EDO LA . -29.12 22.72 28.90
C1 EDO MA . 6.63 -29.21 -20.42
O1 EDO MA . 6.96 -30.59 -20.57
C2 EDO MA . 7.06 -28.47 -21.66
O2 EDO MA . 8.44 -28.17 -21.44
C1 EDO NA . -38.51 4.79 18.97
O1 EDO NA . -38.29 4.18 17.68
C2 EDO NA . -39.99 4.82 19.32
O2 EDO NA . -40.60 3.71 18.65
#